data_8EL2
#
_entry.id   8EL2
#
_cell.length_a   140.300
_cell.length_b   140.300
_cell.length_c   202.750
_cell.angle_alpha   90.000
_cell.angle_beta   90.000
_cell.angle_gamma   120.000
#
_symmetry.space_group_name_H-M   'P 32 2 1'
#
loop_
_entity.id
_entity.type
_entity.pdbx_description
1 polymer 'Fab ICO-hu23 Heavy Chain'
2 polymer 'Fab ICO-hu23 Light Chain'
3 polymer 'Spike protein S1'
4 non-polymer GLYCEROL
5 non-polymer 'ZINC ION'
6 non-polymer 2-acetamido-2-deoxy-beta-D-glucopyranose
#
loop_
_entity_poly.entity_id
_entity_poly.type
_entity_poly.pdbx_seq_one_letter_code
_entity_poly.pdbx_strand_id
1 'polypeptide(L)'
;EVQLVQSGAEVKKPGASVKVSCKASGYTFTGYYFHWVRQAPGQGLEWMGWINPISGGTKYAQKFQGWVTMTRATSISTVY
MEVSRLRSDDTAVYYCARGHTYNWNYAYCDYWGQGTLVTVSSASTKGPSVFPLAPSSKSTSGGTAALGCLVKDYFPEPVT
VSWNSGALTSGVHTFPAVLQSSGLYSLSSVVTVPSSSLGTQTYICNVNHKPSNTKVDKKVEPKSCDKTHHHHHH
;
H,I
2 'polypeptide(L)'
;SYVLTQPASVSGSPGQSITISCTGTSSDVGVYNYVSWYQQHPGKAPKLMIYDVSNRPSGVSNRFSGSKSGNTASLTISGL
QAEDEADYYCSSYTSSSTLVFGGGTKLTVLGQPKAAPSVTLFPPSSEELQANKATLVCLISDFYPGAVTVAWKADSSPVK
AGVETTTPSKQSNNKYAASSYLSLTPEQWKSHRSYSCQVTHEGSTVEKTVAPTECS
;
L,K
3 'polypeptide(L)'
;ASRVQPTESIVRFPNITNLCPFGEVFNATRFASVYAWNRKRISNCVADYSVLYNSASFSTFKCYGVSPTKLNDLCFTNVY
ADSFVIRGDEVRQIAPGQTGKIADYNYKLPDDFTGCVIAWNSNNLDSKVGGNYNYLYRLFRKSNLKPFERDISTEIYQAG
STPCNGVEGFNCYFPLQSYGFQPTNGVGYQPYRVVVLSFELLHAPATVCGPKKSTNLVKNKCVNFHHHHHH
;
A,B
#
# COMPACT_ATOMS: atom_id res chain seq x y z
N GLU A 1 16.41 11.07 -1.34
CA GLU A 1 15.41 11.16 -2.40
C GLU A 1 15.85 10.38 -3.63
N VAL A 2 14.90 9.65 -4.23
CA VAL A 2 15.16 8.93 -5.46
C VAL A 2 15.03 9.90 -6.63
N GLN A 3 16.01 9.88 -7.54
CA GLN A 3 16.05 10.79 -8.67
C GLN A 3 16.39 10.00 -9.93
N LEU A 4 15.53 10.10 -10.95
CA LEU A 4 15.80 9.60 -12.28
C LEU A 4 15.95 10.81 -13.19
N VAL A 5 17.14 11.02 -13.73
CA VAL A 5 17.44 12.20 -14.54
C VAL A 5 17.79 11.73 -15.94
N GLN A 6 17.06 12.24 -16.93
CA GLN A 6 17.26 11.84 -18.32
C GLN A 6 18.09 12.89 -19.07
N SER A 7 18.54 12.48 -20.26
CA SER A 7 19.29 13.38 -21.13
C SER A 7 18.38 14.47 -21.69
N GLY A 8 19.02 15.50 -22.23
CA GLY A 8 18.29 16.61 -22.83
C GLY A 8 17.66 16.23 -24.15
N ALA A 9 16.80 17.11 -24.64
CA ALA A 9 16.08 16.86 -25.89
C ALA A 9 17.05 16.69 -27.04
N GLU A 10 16.62 15.93 -28.05
CA GLU A 10 17.42 15.66 -29.23
C GLU A 10 16.58 15.88 -30.47
N VAL A 11 17.17 16.54 -31.47
CA VAL A 11 16.55 16.72 -32.79
C VAL A 11 17.47 16.05 -33.80
N LYS A 12 16.92 15.11 -34.57
CA LYS A 12 17.73 14.29 -35.46
C LYS A 12 17.04 14.17 -36.82
N LYS A 13 17.83 13.80 -37.82
CA LYS A 13 17.31 13.63 -39.19
C LYS A 13 16.99 12.16 -39.41
N PRO A 14 15.98 11.80 -40.21
CA PRO A 14 15.65 10.41 -40.46
C PRO A 14 16.86 9.59 -40.92
N GLY A 15 17.01 8.39 -40.37
CA GLY A 15 18.13 7.50 -40.74
C GLY A 15 19.26 7.59 -39.74
N ALA A 16 19.17 8.52 -38.81
CA ALA A 16 20.23 8.68 -37.80
C ALA A 16 19.93 7.81 -36.57
N SER A 17 20.75 7.94 -35.54
CA SER A 17 20.53 7.13 -34.34
C SER A 17 20.55 8.04 -33.11
N VAL A 18 19.87 7.58 -32.05
CA VAL A 18 19.80 8.32 -30.80
C VAL A 18 19.88 7.34 -29.64
N LYS A 19 20.49 7.81 -28.54
CA LYS A 19 20.69 7.03 -27.33
C LYS A 19 20.32 7.90 -26.15
N VAL A 20 19.10 7.72 -25.63
CA VAL A 20 18.64 8.40 -24.43
C VAL A 20 19.27 7.76 -23.20
N SER A 21 19.78 8.58 -22.29
CA SER A 21 20.32 8.10 -21.04
C SER A 21 19.40 8.46 -19.89
N CYS A 22 19.49 7.67 -18.83
CA CYS A 22 18.65 7.82 -17.65
C CYS A 22 19.49 7.40 -16.45
N LYS A 23 19.90 8.37 -15.63
CA LYS A 23 20.76 8.10 -14.48
C LYS A 23 19.95 8.11 -13.19
N ALA A 24 20.14 7.07 -12.39
CA ALA A 24 19.43 6.88 -11.13
C ALA A 24 20.31 7.29 -9.96
N SER A 25 19.67 7.81 -8.91
CA SER A 25 20.40 8.23 -7.72
C SER A 25 19.49 8.12 -6.51
N GLY A 26 20.10 7.83 -5.36
CA GLY A 26 19.39 7.81 -4.10
C GLY A 26 18.90 6.46 -3.62
N TYR A 27 19.36 5.38 -4.22
CA TYR A 27 18.91 4.04 -3.87
C TYR A 27 19.85 3.04 -4.53
N THR A 28 19.73 1.77 -4.15
CA THR A 28 20.60 0.73 -4.68
C THR A 28 20.25 0.44 -6.13
N PHE A 29 21.15 0.82 -7.03
CA PHE A 29 20.86 0.78 -8.47
C PHE A 29 20.49 -0.62 -8.94
N THR A 30 21.10 -1.65 -8.37
CA THR A 30 20.85 -3.01 -8.80
C THR A 30 19.56 -3.61 -8.23
N GLY A 31 18.86 -2.89 -7.36
CA GLY A 31 17.74 -3.49 -6.66
C GLY A 31 16.46 -3.56 -7.47
N TYR A 32 16.29 -2.71 -8.48
CA TYR A 32 15.02 -2.59 -9.19
C TYR A 32 15.23 -2.67 -10.69
N TYR A 33 14.28 -3.30 -11.37
CA TYR A 33 14.22 -3.30 -12.83
C TYR A 33 13.82 -1.92 -13.35
N PHE A 34 14.20 -1.63 -14.59
CA PHE A 34 13.88 -0.36 -15.24
C PHE A 34 12.92 -0.58 -16.40
N HIS A 35 11.91 0.29 -16.51
CA HIS A 35 10.96 0.31 -17.61
C HIS A 35 11.25 1.47 -18.53
N TRP A 36 11.23 1.22 -19.83
CA TRP A 36 11.22 2.27 -20.84
C TRP A 36 9.84 2.33 -21.46
N VAL A 37 9.31 3.56 -21.54
CA VAL A 37 7.95 3.84 -22.01
C VAL A 37 8.01 5.05 -22.94
N ARG A 38 7.47 4.92 -24.15
CA ARG A 38 7.45 6.03 -25.09
C ARG A 38 6.05 6.57 -25.29
N GLN A 39 5.96 7.86 -25.63
CA GLN A 39 4.69 8.54 -25.83
C GLN A 39 4.84 9.48 -27.03
N ALA A 40 4.20 9.14 -28.14
CA ALA A 40 4.16 10.05 -29.28
C ALA A 40 3.31 11.27 -28.91
N PRO A 41 3.61 12.44 -29.48
CA PRO A 41 2.91 13.66 -29.05
C PRO A 41 1.42 13.55 -29.31
N GLY A 42 0.64 13.90 -28.29
CA GLY A 42 -0.80 13.80 -28.33
C GLY A 42 -1.36 12.40 -28.13
N GLN A 43 -0.51 11.39 -28.04
CA GLN A 43 -0.97 10.01 -27.93
C GLN A 43 -0.72 9.46 -26.52
N GLY A 44 -0.98 8.16 -26.37
CA GLY A 44 -0.91 7.53 -25.06
C GLY A 44 0.44 6.90 -24.78
N LEU A 45 0.53 6.25 -23.63
CA LEU A 45 1.77 5.64 -23.19
C LEU A 45 1.92 4.25 -23.80
N GLU A 46 3.13 3.94 -24.25
CA GLU A 46 3.44 2.66 -24.86
C GLU A 46 4.63 2.04 -24.14
N TRP A 47 4.43 0.84 -23.60
CA TRP A 47 5.53 0.16 -22.93
C TRP A 47 6.57 -0.26 -23.97
N MET A 48 7.80 0.20 -23.80
CA MET A 48 8.87 -0.21 -24.71
C MET A 48 9.59 -1.44 -24.22
N GLY A 49 9.86 -1.54 -22.92
CA GLY A 49 10.46 -2.76 -22.41
C GLY A 49 11.03 -2.58 -21.02
N TRP A 50 11.60 -3.67 -20.49
CA TRP A 50 12.29 -3.61 -19.21
C TRP A 50 13.70 -4.17 -19.32
N ILE A 51 14.57 -3.69 -18.43
CA ILE A 51 15.95 -4.14 -18.34
C ILE A 51 16.30 -4.35 -16.87
N ASN A 52 17.06 -5.42 -16.60
CA ASN A 52 17.55 -5.69 -15.26
C ASN A 52 18.96 -5.11 -15.13
N PRO A 53 19.19 -4.15 -14.23
CA PRO A 53 20.49 -3.46 -14.21
C PRO A 53 21.67 -4.36 -13.88
N ILE A 54 21.48 -5.40 -13.08
CA ILE A 54 22.62 -6.20 -12.65
C ILE A 54 22.95 -7.30 -13.65
N SER A 55 21.95 -7.91 -14.28
CA SER A 55 22.21 -8.93 -15.26
C SER A 55 22.24 -8.40 -16.69
N GLY A 56 21.69 -7.21 -16.93
CA GLY A 56 21.51 -6.74 -18.28
C GLY A 56 20.39 -7.42 -19.04
N GLY A 57 19.73 -8.41 -18.44
CA GLY A 57 18.66 -9.09 -19.14
C GLY A 57 17.54 -8.11 -19.48
N THR A 58 16.99 -8.27 -20.67
CA THR A 58 15.98 -7.35 -21.20
C THR A 58 14.78 -8.15 -21.68
N LYS A 59 13.65 -7.44 -21.77
CA LYS A 59 12.49 -7.94 -22.50
C LYS A 59 11.83 -6.75 -23.17
N TYR A 60 11.68 -6.85 -24.49
CA TYR A 60 11.11 -5.77 -25.29
C TYR A 60 9.65 -6.09 -25.61
N ALA A 61 8.83 -5.04 -25.65
CA ALA A 61 7.48 -5.19 -26.19
C ALA A 61 7.58 -5.64 -27.65
N GLN A 62 6.55 -6.37 -28.11
CA GLN A 62 6.60 -6.87 -29.47
C GLN A 62 6.57 -5.75 -30.50
N LYS A 63 6.09 -4.57 -30.11
CA LYS A 63 6.06 -3.44 -31.03
C LYS A 63 7.45 -2.86 -31.28
N PHE A 64 8.34 -2.93 -30.30
CA PHE A 64 9.65 -2.30 -30.39
C PHE A 64 10.81 -3.29 -30.45
N GLN A 65 10.53 -4.59 -30.52
CA GLN A 65 11.60 -5.57 -30.54
C GLN A 65 12.37 -5.52 -31.84
N GLY A 66 13.69 -5.60 -31.76
CA GLY A 66 14.54 -5.72 -32.94
C GLY A 66 15.25 -4.45 -33.32
N TRP A 67 14.52 -3.33 -33.36
CA TRP A 67 15.06 -2.06 -33.81
C TRP A 67 15.36 -1.11 -32.66
N VAL A 68 15.08 -1.53 -31.44
CA VAL A 68 15.40 -0.81 -30.21
C VAL A 68 16.35 -1.67 -29.39
N THR A 69 17.30 -1.04 -28.69
CA THR A 69 18.15 -1.77 -27.76
C THR A 69 18.25 -1.05 -26.43
N MET A 70 18.09 -1.80 -25.34
CA MET A 70 18.30 -1.29 -24.00
C MET A 70 19.63 -1.81 -23.46
N THR A 71 20.39 -0.94 -22.82
CA THR A 71 21.64 -1.32 -22.18
C THR A 71 21.74 -0.62 -20.84
N ARG A 72 22.76 -0.97 -20.07
CA ARG A 72 22.98 -0.31 -18.80
C ARG A 72 24.47 -0.28 -18.49
N ALA A 73 24.83 0.66 -17.62
CA ALA A 73 26.18 0.75 -17.06
C ALA A 73 26.03 1.03 -15.58
N THR A 74 26.35 0.03 -14.75
CA THR A 74 26.21 0.20 -13.30
C THR A 74 27.38 0.95 -12.69
N SER A 75 28.50 1.06 -13.40
CA SER A 75 29.58 1.94 -12.96
C SER A 75 29.06 3.36 -12.73
N ILE A 76 28.17 3.82 -13.59
CA ILE A 76 27.58 5.16 -13.50
C ILE A 76 26.11 5.11 -13.13
N SER A 77 25.54 3.92 -12.92
CA SER A 77 24.15 3.77 -12.50
C SER A 77 23.20 4.38 -13.53
N THR A 78 23.42 4.05 -14.80
CA THR A 78 22.70 4.66 -15.90
C THR A 78 22.12 3.56 -16.79
N VAL A 79 20.93 3.79 -17.31
CA VAL A 79 20.33 2.92 -18.32
C VAL A 79 20.17 3.70 -19.61
N TYR A 80 20.29 2.98 -20.72
CA TYR A 80 20.33 3.58 -22.05
C TYR A 80 19.26 2.95 -22.93
N MET A 81 18.57 3.81 -23.68
CA MET A 81 17.55 3.42 -24.66
C MET A 81 18.02 3.93 -26.02
N GLU A 82 18.43 3.03 -26.91
CA GLU A 82 18.98 3.43 -28.20
C GLU A 82 18.10 2.93 -29.33
N VAL A 83 17.71 3.85 -30.21
CA VAL A 83 17.02 3.51 -31.45
C VAL A 83 17.84 4.07 -32.59
N SER A 84 18.17 3.22 -33.56
CA SER A 84 19.01 3.61 -34.68
C SER A 84 18.23 3.45 -35.99
N ARG A 85 18.58 4.28 -36.96
CA ARG A 85 17.83 4.45 -38.20
C ARG A 85 16.41 4.96 -37.90
N LEU A 86 16.39 6.17 -37.36
CA LEU A 86 15.14 6.82 -37.03
C LEU A 86 14.26 6.99 -38.26
N ARG A 87 12.95 6.96 -38.02
CA ARG A 87 11.93 7.37 -38.95
C ARG A 87 11.20 8.53 -38.29
N SER A 88 10.37 9.25 -39.05
CA SER A 88 9.62 10.34 -38.43
C SER A 88 8.46 9.82 -37.59
N ASP A 89 8.16 8.52 -37.66
CA ASP A 89 7.25 7.89 -36.72
C ASP A 89 7.75 7.99 -35.29
N ASP A 90 9.05 8.15 -35.11
CA ASP A 90 9.70 8.03 -33.80
C ASP A 90 9.74 9.35 -33.04
N THR A 91 9.18 10.42 -33.60
CA THR A 91 9.07 11.66 -32.86
C THR A 91 8.22 11.43 -31.63
N ALA A 92 8.83 11.50 -30.44
CA ALA A 92 8.09 11.13 -29.22
C ALA A 92 8.90 11.56 -28.01
N VAL A 93 8.25 11.46 -26.85
CA VAL A 93 8.92 11.64 -25.56
C VAL A 93 9.19 10.26 -24.98
N TYR A 94 10.40 10.05 -24.49
CA TYR A 94 10.84 8.75 -24.00
C TYR A 94 11.07 8.87 -22.50
N TYR A 95 10.49 7.95 -21.74
CA TYR A 95 10.52 7.95 -20.29
C TYR A 95 11.21 6.69 -19.80
N CYS A 96 12.06 6.84 -18.78
CA CYS A 96 12.46 5.74 -17.95
C CYS A 96 11.70 5.81 -16.63
N ALA A 97 11.44 4.64 -16.06
CA ALA A 97 10.76 4.54 -14.78
C ALA A 97 11.35 3.38 -14.00
N ARG A 98 11.36 3.50 -12.67
CA ARG A 98 11.80 2.41 -11.83
C ARG A 98 10.62 1.48 -11.58
N GLY A 99 10.84 0.19 -11.83
CA GLY A 99 9.76 -0.77 -11.73
C GLY A 99 9.83 -1.67 -10.52
N HIS A 100 9.58 -2.97 -10.75
CA HIS A 100 9.58 -3.97 -9.70
C HIS A 100 11.00 -4.18 -9.16
N THR A 101 11.11 -5.05 -8.16
CA THR A 101 12.36 -5.33 -7.49
C THR A 101 13.04 -6.54 -8.10
N TYR A 102 14.19 -6.90 -7.53
CA TYR A 102 14.97 -8.01 -8.07
C TYR A 102 14.18 -9.31 -8.06
N ASN A 103 13.28 -9.48 -7.09
CA ASN A 103 12.40 -10.65 -7.01
C ASN A 103 10.98 -10.34 -7.45
N TRP A 104 10.78 -9.29 -8.25
CA TRP A 104 9.52 -9.00 -8.93
C TRP A 104 8.39 -8.76 -7.93
N ASN A 105 8.60 -7.76 -7.07
CA ASN A 105 7.69 -7.56 -5.94
C ASN A 105 6.91 -6.26 -6.04
N TYR A 106 7.57 -5.11 -6.02
CA TYR A 106 6.84 -3.84 -6.00
C TYR A 106 6.57 -3.44 -7.45
N ALA A 107 5.54 -4.07 -8.01
CA ALA A 107 5.28 -4.04 -9.46
C ALA A 107 4.46 -2.81 -9.80
N TYR A 108 5.14 -1.66 -9.81
CA TYR A 108 4.59 -0.40 -10.24
C TYR A 108 5.75 0.55 -10.49
N CYS A 109 5.43 1.72 -11.04
CA CYS A 109 6.43 2.74 -11.30
C CYS A 109 6.04 3.98 -10.50
N ASP A 110 6.86 4.32 -9.51
CA ASP A 110 6.62 5.48 -8.66
C ASP A 110 7.49 6.65 -9.03
N TYR A 111 8.67 6.37 -9.58
CA TYR A 111 9.65 7.37 -9.96
C TYR A 111 9.88 7.30 -11.46
N TRP A 112 9.63 8.41 -12.15
CA TRP A 112 9.82 8.51 -13.59
C TRP A 112 10.90 9.54 -13.89
N GLY A 113 11.58 9.36 -15.01
CA GLY A 113 12.42 10.41 -15.53
C GLY A 113 11.59 11.59 -15.98
N GLN A 114 12.25 12.73 -16.18
CA GLN A 114 11.53 13.91 -16.63
C GLN A 114 11.03 13.77 -18.06
N GLY A 115 11.63 12.87 -18.84
CA GLY A 115 11.25 12.66 -20.22
C GLY A 115 12.25 13.28 -21.17
N THR A 116 12.55 12.59 -22.26
CA THR A 116 13.41 13.13 -23.31
C THR A 116 12.61 13.24 -24.59
N LEU A 117 12.47 14.45 -25.10
CA LEU A 117 11.81 14.65 -26.38
C LEU A 117 12.81 14.39 -27.51
N VAL A 118 12.45 13.50 -28.41
CA VAL A 118 13.24 13.21 -29.61
C VAL A 118 12.39 13.60 -30.81
N THR A 119 12.84 14.61 -31.54
CA THR A 119 12.14 15.16 -32.69
C THR A 119 12.92 14.82 -33.94
N VAL A 120 12.34 14.01 -34.80
CA VAL A 120 12.99 13.54 -36.03
C VAL A 120 12.27 14.18 -37.19
N SER A 121 12.98 15.02 -37.95
CA SER A 121 12.43 15.65 -39.13
C SER A 121 13.54 15.85 -40.16
N SER A 122 13.14 15.91 -41.42
CA SER A 122 14.09 16.07 -42.52
C SER A 122 14.45 17.52 -42.76
N ALA A 123 13.86 18.45 -42.00
CA ALA A 123 14.28 19.83 -42.09
C ALA A 123 15.64 19.98 -41.40
N SER A 124 16.24 21.16 -41.53
CA SER A 124 17.46 21.44 -40.78
C SER A 124 17.43 22.88 -40.28
N THR A 125 18.40 23.17 -39.41
CA THR A 125 18.39 24.39 -38.59
C THR A 125 18.32 25.64 -39.44
N LYS A 126 17.28 26.44 -39.23
CA LYS A 126 17.10 27.68 -39.96
C LYS A 126 16.47 28.71 -39.02
N GLY A 127 17.20 29.79 -38.77
CA GLY A 127 16.69 30.89 -37.98
C GLY A 127 15.44 31.47 -38.60
N PRO A 128 14.60 32.09 -37.79
CA PRO A 128 13.32 32.58 -38.27
C PRO A 128 13.48 33.88 -39.05
N SER A 129 12.35 34.46 -39.44
CA SER A 129 12.31 35.82 -39.93
C SER A 129 11.07 36.49 -39.36
N VAL A 130 11.26 37.64 -38.72
CA VAL A 130 10.20 38.27 -37.96
C VAL A 130 9.71 39.52 -38.71
N PHE A 131 8.40 39.72 -38.71
CA PHE A 131 7.76 40.83 -39.38
C PHE A 131 6.76 41.50 -38.45
N PRO A 132 6.65 42.82 -38.51
CA PRO A 132 5.70 43.52 -37.63
C PRO A 132 4.30 43.61 -38.22
N LEU A 133 3.30 43.20 -37.46
CA LEU A 133 1.89 43.32 -37.84
C LEU A 133 1.36 44.62 -37.27
N ALA A 134 1.08 45.58 -38.14
CA ALA A 134 0.78 46.94 -37.72
C ALA A 134 -0.54 47.02 -36.98
N PRO A 135 -0.62 47.90 -35.98
CA PRO A 135 -1.85 48.05 -35.20
C PRO A 135 -3.04 48.46 -36.05
N SER A 136 -4.22 48.23 -35.49
CA SER A 136 -5.47 48.39 -36.20
C SER A 136 -6.07 49.77 -35.89
N SER A 137 -6.88 50.25 -36.82
CA SER A 137 -7.39 51.62 -36.76
C SER A 137 -8.48 51.84 -37.81
N GLY A 143 -13.46 48.39 -27.32
CA GLY A 143 -12.81 48.85 -28.53
C GLY A 143 -11.38 49.28 -28.30
N THR A 144 -10.42 48.48 -28.78
CA THR A 144 -9.01 48.82 -28.71
C THR A 144 -8.25 48.05 -29.78
N ALA A 145 -6.93 48.25 -29.85
CA ALA A 145 -6.17 47.89 -31.04
C ALA A 145 -5.00 46.98 -30.66
N ALA A 146 -4.76 45.97 -31.49
CA ALA A 146 -3.72 44.97 -31.24
C ALA A 146 -2.63 45.08 -32.30
N LEU A 147 -1.38 45.00 -31.86
CA LEU A 147 -0.22 44.90 -32.74
C LEU A 147 0.42 43.53 -32.58
N GLY A 148 1.26 43.15 -33.55
CA GLY A 148 1.81 41.81 -33.50
C GLY A 148 3.20 41.66 -34.06
N CYS A 149 3.78 40.50 -33.80
CA CYS A 149 5.04 40.05 -34.38
C CYS A 149 4.83 38.65 -34.94
N LEU A 150 5.20 38.46 -36.21
CA LEU A 150 5.10 37.17 -36.87
C LEU A 150 6.48 36.58 -37.08
N VAL A 151 6.72 35.40 -36.52
CA VAL A 151 7.98 34.69 -36.61
C VAL A 151 7.78 33.58 -37.63
N LYS A 152 8.24 33.79 -38.85
CA LYS A 152 7.97 32.90 -39.97
C LYS A 152 9.16 31.99 -40.25
N ASP A 153 8.86 30.73 -40.54
CA ASP A 153 9.78 29.73 -41.07
C ASP A 153 11.04 29.56 -40.21
N TYR A 154 10.96 28.73 -39.19
CA TYR A 154 12.12 28.40 -38.36
C TYR A 154 12.06 26.92 -38.00
N PHE A 155 13.23 26.40 -37.60
CA PHE A 155 13.37 25.01 -37.18
C PHE A 155 14.69 24.84 -36.45
N PRO A 156 14.70 24.14 -35.30
CA PRO A 156 13.52 23.53 -34.68
C PRO A 156 12.84 24.46 -33.68
N GLU A 157 11.95 23.90 -32.87
CA GLU A 157 11.36 24.66 -31.77
C GLU A 157 12.30 24.66 -30.57
N PRO A 158 12.13 25.61 -29.63
CA PRO A 158 11.16 26.71 -29.58
C PRO A 158 11.79 28.08 -29.78
N VAL A 159 10.94 29.11 -29.80
CA VAL A 159 11.40 30.50 -29.79
C VAL A 159 10.76 31.20 -28.61
N THR A 160 11.50 32.15 -28.05
CA THR A 160 11.04 32.97 -26.93
C THR A 160 10.74 34.38 -27.44
N VAL A 161 9.52 34.86 -27.17
CA VAL A 161 9.08 36.17 -27.62
C VAL A 161 8.72 37.00 -26.40
N SER A 162 9.54 38.02 -26.11
CA SER A 162 9.21 39.01 -25.09
C SER A 162 8.75 40.29 -25.77
N TRP A 163 7.97 41.09 -25.05
CA TRP A 163 7.49 42.37 -25.56
C TRP A 163 8.00 43.53 -24.72
N ASN A 164 8.49 44.56 -25.38
CA ASN A 164 9.03 45.76 -24.73
C ASN A 164 10.09 45.45 -23.67
N SER A 165 11.04 44.63 -24.03
CA SER A 165 12.20 44.32 -23.19
C SER A 165 11.78 43.84 -21.78
N GLY A 166 10.79 42.92 -21.76
CA GLY A 166 10.30 42.35 -20.54
C GLY A 166 9.46 43.29 -19.75
N ALA A 167 9.40 44.58 -20.14
CA ALA A 167 8.71 45.65 -19.43
C ALA A 167 7.22 45.65 -19.70
N LEU A 168 6.74 44.81 -20.61
CA LEU A 168 5.32 44.70 -20.92
C LEU A 168 4.89 43.28 -20.60
N THR A 169 4.16 43.12 -19.50
CA THR A 169 3.85 41.80 -18.96
C THR A 169 2.45 41.30 -19.32
N SER A 170 1.46 42.19 -19.39
CA SER A 170 0.06 41.82 -19.50
C SER A 170 -0.48 42.17 -20.88
N GLY A 171 -1.60 41.52 -21.23
CA GLY A 171 -2.24 41.69 -22.52
C GLY A 171 -1.56 41.00 -23.68
N VAL A 172 -0.46 40.29 -23.45
CA VAL A 172 0.28 39.63 -24.52
C VAL A 172 -0.27 38.23 -24.71
N HIS A 173 -0.54 37.86 -25.95
CA HIS A 173 -0.97 36.52 -26.32
C HIS A 173 0.07 36.01 -27.33
N THR A 174 0.95 35.13 -26.88
CA THR A 174 1.91 34.46 -27.76
C THR A 174 1.31 33.11 -28.14
N PHE A 175 1.09 32.93 -29.39
CA PHE A 175 0.37 31.73 -29.77
C PHE A 175 1.32 30.59 -30.09
N PRO A 176 0.89 29.35 -29.88
CA PRO A 176 1.72 28.21 -30.28
C PRO A 176 1.92 28.18 -31.79
N ALA A 177 3.02 27.57 -32.21
CA ALA A 177 3.43 27.60 -33.60
C ALA A 177 2.61 26.66 -34.46
N VAL A 178 2.49 27.00 -35.75
CA VAL A 178 2.03 26.06 -36.76
C VAL A 178 3.26 25.34 -37.30
N LEU A 179 3.04 24.15 -37.84
CA LEU A 179 4.08 23.42 -38.56
C LEU A 179 3.60 23.25 -40.00
N GLN A 180 4.25 23.93 -40.92
CA GLN A 180 3.83 23.85 -42.33
C GLN A 180 4.39 22.59 -42.98
N SER A 181 3.95 22.29 -44.21
CA SER A 181 4.38 21.09 -44.99
C SER A 181 5.88 21.16 -45.27
N SER A 182 6.41 22.37 -45.47
CA SER A 182 7.85 22.61 -45.67
C SER A 182 8.67 21.86 -44.64
N GLY A 183 8.33 22.02 -43.37
CA GLY A 183 9.04 21.38 -42.25
C GLY A 183 9.51 22.45 -41.29
N LEU A 184 9.01 23.68 -41.46
CA LEU A 184 9.41 24.80 -40.61
C LEU A 184 8.17 25.31 -39.88
N TYR A 185 8.40 25.89 -38.71
CA TYR A 185 7.37 26.42 -37.84
C TYR A 185 7.21 27.92 -38.07
N SER A 186 6.03 28.43 -37.74
CA SER A 186 5.81 29.87 -37.65
C SER A 186 4.81 30.16 -36.55
N LEU A 187 4.88 31.39 -36.03
CA LEU A 187 4.31 31.73 -34.74
C LEU A 187 3.95 33.22 -34.75
N SER A 188 3.06 33.61 -33.85
CA SER A 188 2.65 35.01 -33.78
C SER A 188 2.42 35.39 -32.33
N SER A 189 2.75 36.65 -32.02
CA SER A 189 2.61 37.18 -30.67
C SER A 189 2.01 38.56 -30.76
N VAL A 190 0.84 38.75 -30.17
CA VAL A 190 0.15 40.04 -30.23
C VAL A 190 0.07 40.66 -28.85
N VAL A 191 0.05 41.99 -28.83
CA VAL A 191 -0.26 42.78 -27.65
C VAL A 191 -1.45 43.67 -27.97
N THR A 192 -2.47 43.64 -27.12
CA THR A 192 -3.62 44.51 -27.23
C THR A 192 -3.39 45.72 -26.34
N VAL A 193 -3.46 46.90 -26.94
CA VAL A 193 -3.17 48.18 -26.28
C VAL A 193 -4.38 49.08 -26.53
N PRO A 194 -4.71 50.00 -25.61
CA PRO A 194 -5.94 50.80 -25.77
C PRO A 194 -6.04 51.50 -27.13
N SER A 195 -7.26 51.46 -27.68
CA SER A 195 -7.70 52.06 -28.94
C SER A 195 -6.75 53.10 -29.53
N SER A 196 -6.88 54.35 -29.10
CA SER A 196 -6.10 55.45 -29.64
C SER A 196 -4.72 55.59 -28.98
N SER A 197 -4.25 54.57 -28.27
CA SER A 197 -2.83 54.47 -27.98
C SER A 197 -2.13 54.05 -29.27
N LEU A 198 -1.47 54.99 -29.93
CA LEU A 198 -0.71 54.64 -31.11
C LEU A 198 0.77 54.86 -30.88
N GLY A 199 1.30 56.03 -31.21
CA GLY A 199 2.66 56.36 -30.85
C GLY A 199 2.87 56.81 -29.40
N THR A 200 2.16 56.20 -28.46
CA THR A 200 2.38 56.54 -27.05
C THR A 200 3.76 56.08 -26.58
N GLN A 201 3.98 54.78 -26.57
CA GLN A 201 5.25 54.19 -26.18
C GLN A 201 6.02 53.79 -27.44
N THR A 202 7.08 53.00 -27.27
CA THR A 202 7.77 52.33 -28.36
C THR A 202 7.66 50.83 -28.14
N TYR A 203 7.32 50.09 -29.19
CA TYR A 203 6.87 48.69 -29.07
C TYR A 203 7.75 47.74 -29.88
N ILE A 204 8.81 47.23 -29.26
CA ILE A 204 9.71 46.25 -29.85
C ILE A 204 9.40 44.87 -29.28
N CYS A 205 9.23 43.88 -30.17
CA CYS A 205 9.23 42.47 -29.79
C CYS A 205 10.63 41.89 -29.96
N ASN A 206 11.08 41.15 -28.95
CA ASN A 206 12.35 40.45 -28.97
C ASN A 206 12.10 38.96 -29.18
N VAL A 207 12.61 38.44 -30.30
CA VAL A 207 12.50 37.03 -30.67
C VAL A 207 13.85 36.38 -30.50
N ASN A 208 13.89 35.22 -29.83
CA ASN A 208 15.12 34.43 -29.81
C ASN A 208 14.83 32.97 -30.15
N HIS A 209 15.69 32.43 -31.01
CA HIS A 209 15.63 31.04 -31.46
C HIS A 209 17.06 30.52 -31.30
N LYS A 210 17.30 29.89 -30.16
CA LYS A 210 18.64 29.49 -29.71
C LYS A 210 19.32 28.44 -30.60
N PRO A 211 18.60 27.48 -31.19
CA PRO A 211 19.31 26.51 -32.06
C PRO A 211 19.99 27.16 -33.26
N SER A 212 19.26 28.01 -33.98
CA SER A 212 19.89 28.85 -35.00
C SER A 212 21.03 29.70 -34.46
N ASN A 213 20.94 30.10 -33.18
CA ASN A 213 21.70 31.22 -32.61
C ASN A 213 21.19 32.55 -33.17
N THR A 214 19.87 32.69 -33.25
CA THR A 214 19.28 33.85 -33.92
C THR A 214 18.29 34.55 -33.00
N LYS A 215 18.66 35.73 -32.49
CA LYS A 215 17.71 36.61 -31.82
C LYS A 215 17.72 37.96 -32.51
N VAL A 216 16.53 38.53 -32.66
CA VAL A 216 16.31 39.78 -33.36
C VAL A 216 15.24 40.58 -32.61
N ASP A 217 15.42 41.89 -32.55
CA ASP A 217 14.46 42.81 -31.94
C ASP A 217 13.86 43.69 -33.03
N LYS A 218 12.56 43.55 -33.25
CA LYS A 218 11.86 44.28 -34.30
C LYS A 218 10.77 45.15 -33.71
N LYS A 219 10.65 46.38 -34.20
CA LYS A 219 9.70 47.32 -33.66
C LYS A 219 8.48 47.42 -34.57
N VAL A 220 7.30 47.52 -33.94
CA VAL A 220 6.03 47.57 -34.66
C VAL A 220 5.45 48.96 -34.51
N GLU A 221 4.97 49.51 -35.61
CA GLU A 221 4.49 50.87 -35.65
C GLU A 221 3.50 51.01 -36.79
N PRO A 222 2.52 51.91 -36.68
CA PRO A 222 1.69 52.21 -37.85
C PRO A 222 2.52 52.75 -38.99
N LYS A 223 2.23 52.28 -40.20
CA LYS A 223 2.98 52.61 -41.39
C LYS A 223 2.13 53.49 -42.30
N SER A 224 2.73 54.55 -42.83
CA SER A 224 2.08 55.51 -43.71
C SER A 224 0.86 56.16 -43.08
N SER B 1 -1.14 -3.84 -31.29
CA SER B 1 -1.75 -2.69 -30.57
C SER B 1 -2.62 -3.22 -29.44
N TYR B 2 -2.10 -4.12 -28.61
CA TYR B 2 -2.93 -4.63 -27.49
C TYR B 2 -2.84 -3.68 -26.29
N VAL B 3 -3.94 -2.99 -26.00
CA VAL B 3 -3.97 -2.06 -24.84
C VAL B 3 -5.20 -2.39 -23.99
N LEU B 4 -5.21 -1.95 -22.73
CA LEU B 4 -6.38 -2.18 -21.86
C LEU B 4 -7.46 -1.21 -22.32
N THR B 5 -8.67 -1.71 -22.54
CA THR B 5 -9.76 -0.89 -23.06
C THR B 5 -10.20 0.14 -22.02
N GLN B 6 -10.09 1.42 -22.37
CA GLN B 6 -10.31 2.52 -21.46
C GLN B 6 -11.06 3.62 -22.18
N PRO B 7 -12.08 4.22 -21.55
CA PRO B 7 -12.87 5.25 -22.23
C PRO B 7 -12.02 6.44 -22.60
N ALA B 8 -12.28 7.01 -23.78
CA ALA B 8 -11.46 8.10 -24.28
C ALA B 8 -11.70 9.39 -23.49
N SER B 9 -12.95 9.66 -23.14
CA SER B 9 -13.30 10.91 -22.48
C SER B 9 -14.36 10.67 -21.43
N VAL B 10 -14.13 11.18 -20.22
CA VAL B 10 -15.13 11.24 -19.16
C VAL B 10 -15.07 12.64 -18.57
N SER B 11 -16.19 13.08 -18.00
CA SER B 11 -16.20 14.36 -17.30
C SER B 11 -17.35 14.39 -16.31
N GLY B 12 -17.44 15.50 -15.60
CA GLY B 12 -18.28 15.60 -14.43
C GLY B 12 -18.08 16.97 -13.80
N SER B 13 -19.01 17.34 -12.95
CA SER B 13 -18.98 18.68 -12.43
C SER B 13 -18.29 18.71 -11.07
N PRO B 14 -17.85 19.88 -10.60
CA PRO B 14 -17.08 19.92 -9.35
C PRO B 14 -17.90 19.41 -8.17
N GLY B 15 -17.20 18.88 -7.18
CA GLY B 15 -17.82 18.29 -6.02
C GLY B 15 -18.41 16.91 -6.22
N GLN B 16 -18.59 16.47 -7.45
CA GLN B 16 -19.14 15.16 -7.75
C GLN B 16 -18.01 14.13 -7.84
N SER B 17 -18.39 12.87 -8.05
CA SER B 17 -17.45 11.76 -8.14
C SER B 17 -17.59 11.07 -9.48
N ILE B 18 -16.45 10.89 -10.16
CA ILE B 18 -16.42 10.18 -11.43
C ILE B 18 -15.66 8.88 -11.23
N THR B 19 -15.90 7.92 -12.13
CA THR B 19 -15.10 6.71 -12.17
C THR B 19 -14.68 6.44 -13.61
N ILE B 20 -13.45 6.01 -13.77
CA ILE B 20 -12.87 5.66 -15.06
C ILE B 20 -12.68 4.16 -15.09
N SER B 21 -13.28 3.51 -16.07
CA SER B 21 -13.12 2.08 -16.27
C SER B 21 -11.77 1.79 -16.92
N CYS B 22 -11.36 0.53 -16.87
CA CYS B 22 -10.23 0.02 -17.64
C CYS B 22 -10.35 -1.49 -17.66
N THR B 23 -10.46 -2.09 -18.85
CA THR B 23 -10.85 -3.49 -19.00
C THR B 23 -9.73 -4.25 -19.67
N GLY B 24 -9.24 -5.31 -19.01
CA GLY B 24 -8.17 -6.13 -19.51
C GLY B 24 -8.65 -7.51 -19.94
N THR B 25 -7.71 -8.45 -19.93
CA THR B 25 -7.99 -9.84 -20.27
C THR B 25 -7.77 -10.73 -19.05
N SER B 26 -8.09 -12.01 -19.21
CA SER B 26 -7.66 -13.05 -18.28
C SER B 26 -6.21 -12.87 -17.84
N SER B 27 -5.30 -12.64 -18.80
CA SER B 27 -3.86 -12.70 -18.57
C SER B 27 -3.27 -11.52 -17.79
N ASP B 28 -4.07 -10.53 -17.41
CA ASP B 28 -3.48 -9.41 -16.67
C ASP B 28 -4.36 -8.94 -15.52
N VAL B 29 -5.32 -8.05 -15.79
CA VAL B 29 -6.16 -7.51 -14.74
C VAL B 29 -7.00 -8.61 -14.08
N GLY B 30 -7.23 -9.71 -14.78
CA GLY B 30 -8.04 -10.79 -14.24
C GLY B 30 -7.30 -11.73 -13.31
N VAL B 31 -6.04 -12.03 -13.64
CA VAL B 31 -5.28 -13.01 -12.87
C VAL B 31 -4.51 -12.35 -11.72
N TYR B 32 -3.95 -11.16 -11.93
CA TYR B 32 -3.09 -10.51 -10.95
C TYR B 32 -3.80 -9.30 -10.35
N ASN B 33 -3.13 -8.68 -9.37
CA ASN B 33 -3.58 -7.42 -8.79
C ASN B 33 -2.50 -6.34 -8.93
N TYR B 34 -1.67 -6.46 -9.97
CA TYR B 34 -0.62 -5.48 -10.26
C TYR B 34 -1.13 -4.34 -11.13
N VAL B 35 -2.36 -3.92 -10.91
CA VAL B 35 -2.93 -2.79 -11.63
C VAL B 35 -2.51 -1.50 -10.93
N SER B 36 -2.14 -0.51 -11.72
CA SER B 36 -1.83 0.82 -11.20
C SER B 36 -2.42 1.87 -12.13
N TRP B 37 -2.49 3.09 -11.62
CA TRP B 37 -3.15 4.22 -12.27
C TRP B 37 -2.24 5.42 -12.16
N TYR B 38 -1.93 6.02 -13.32
CA TYR B 38 -1.06 7.19 -13.42
C TYR B 38 -1.85 8.38 -13.94
N GLN B 39 -1.53 9.55 -13.43
CA GLN B 39 -2.12 10.81 -13.87
C GLN B 39 -1.05 11.63 -14.58
N GLN B 40 -1.41 12.21 -15.72
CA GLN B 40 -0.51 13.02 -16.51
C GLN B 40 -1.14 14.39 -16.76
N HIS B 41 -0.47 15.43 -16.29
CA HIS B 41 -0.80 16.80 -16.65
C HIS B 41 -0.02 17.19 -17.90
N PRO B 42 -0.62 18.00 -18.80
CA PRO B 42 0.02 18.27 -20.09
C PRO B 42 1.44 18.80 -19.98
N GLY B 43 2.39 18.07 -20.57
CA GLY B 43 3.78 18.50 -20.61
C GLY B 43 4.67 17.94 -19.53
N LYS B 44 4.14 17.16 -18.60
CA LYS B 44 4.93 16.58 -17.52
C LYS B 44 4.87 15.06 -17.57
N ALA B 45 5.69 14.43 -16.73
CA ALA B 45 5.77 12.98 -16.65
C ALA B 45 4.55 12.43 -15.92
N PRO B 46 4.17 11.17 -16.20
CA PRO B 46 3.04 10.58 -15.48
C PRO B 46 3.35 10.39 -14.00
N LYS B 47 2.32 10.59 -13.18
CA LYS B 47 2.43 10.50 -11.73
C LYS B 47 1.63 9.32 -11.22
N LEU B 48 2.27 8.45 -10.45
CA LEU B 48 1.60 7.27 -9.91
C LEU B 48 0.53 7.69 -8.89
N MET B 49 -0.72 7.37 -9.18
CA MET B 49 -1.84 7.70 -8.31
C MET B 49 -2.33 6.52 -7.49
N ILE B 50 -2.38 5.33 -8.09
CA ILE B 50 -2.84 4.13 -7.40
C ILE B 50 -1.94 2.98 -7.82
N TYR B 51 -1.59 2.10 -6.87
CA TYR B 51 -0.86 0.88 -7.19
C TYR B 51 -1.46 -0.28 -6.44
N ASP B 52 -1.20 -1.49 -6.93
CA ASP B 52 -1.75 -2.71 -6.34
C ASP B 52 -3.27 -2.60 -6.20
N VAL B 53 -3.91 -2.14 -7.27
CA VAL B 53 -5.35 -2.04 -7.44
C VAL B 53 -5.94 -0.89 -6.61
N SER B 54 -5.62 -0.83 -5.32
CA SER B 54 -6.31 0.10 -4.43
C SER B 54 -5.41 1.00 -3.58
N ASN B 55 -4.10 0.79 -3.58
CA ASN B 55 -3.21 1.46 -2.65
C ASN B 55 -2.71 2.78 -3.21
N ARG B 56 -2.74 3.82 -2.36
CA ARG B 56 -2.28 5.15 -2.77
C ARG B 56 -0.87 5.42 -2.26
N PRO B 57 0.03 5.97 -3.08
CA PRO B 57 1.33 6.38 -2.58
C PRO B 57 1.18 7.53 -1.61
N SER B 58 2.27 7.83 -0.89
CA SER B 58 2.22 8.91 0.08
C SER B 58 2.13 10.26 -0.63
N GLY B 59 1.22 11.11 -0.15
CA GLY B 59 0.96 12.40 -0.75
C GLY B 59 -0.26 12.44 -1.65
N VAL B 60 -0.64 11.29 -2.23
CA VAL B 60 -1.85 11.26 -3.04
C VAL B 60 -3.06 11.40 -2.12
N SER B 61 -3.96 12.30 -2.47
CA SER B 61 -5.09 12.60 -1.61
C SER B 61 -6.05 11.41 -1.57
N ASN B 62 -6.77 11.28 -0.45
CA ASN B 62 -7.72 10.19 -0.27
C ASN B 62 -8.86 10.23 -1.27
N ARG B 63 -8.99 11.29 -2.07
CA ARG B 63 -10.07 11.37 -3.05
C ARG B 63 -9.91 10.36 -4.18
N PHE B 64 -8.75 9.72 -4.31
CA PHE B 64 -8.48 8.78 -5.38
C PHE B 64 -8.62 7.35 -4.85
N SER B 65 -9.58 6.62 -5.39
CA SER B 65 -9.91 5.26 -4.96
C SER B 65 -9.60 4.29 -6.10
N GLY B 66 -9.13 3.10 -5.76
CA GLY B 66 -8.94 2.05 -6.73
C GLY B 66 -9.85 0.86 -6.44
N SER B 67 -10.21 0.14 -7.50
CA SER B 67 -11.03 -1.06 -7.34
C SER B 67 -10.79 -1.97 -8.53
N LYS B 68 -11.12 -3.24 -8.35
CA LYS B 68 -11.00 -4.21 -9.43
C LYS B 68 -12.12 -5.23 -9.31
N SER B 69 -12.64 -5.66 -10.44
CA SER B 69 -13.71 -6.65 -10.47
C SER B 69 -13.63 -7.41 -11.78
N GLY B 70 -13.50 -8.72 -11.70
CA GLY B 70 -13.32 -9.51 -12.91
C GLY B 70 -12.07 -9.07 -13.65
N ASN B 71 -12.26 -8.65 -14.90
CA ASN B 71 -11.17 -8.16 -15.73
C ASN B 71 -11.12 -6.64 -15.80
N THR B 72 -11.88 -5.95 -14.97
CA THR B 72 -12.08 -4.51 -15.10
C THR B 72 -11.64 -3.81 -13.81
N ALA B 73 -10.50 -3.11 -13.88
CA ALA B 73 -10.15 -2.17 -12.84
C ALA B 73 -10.87 -0.85 -13.06
N SER B 74 -10.94 -0.05 -12.01
CA SER B 74 -11.54 1.27 -12.15
C SER B 74 -11.07 2.21 -11.05
N LEU B 75 -10.93 3.47 -11.43
CA LEU B 75 -10.39 4.53 -10.57
C LEU B 75 -11.49 5.55 -10.31
N THR B 76 -11.70 5.90 -9.05
CA THR B 76 -12.77 6.81 -8.68
C THR B 76 -12.19 8.07 -8.07
N ILE B 77 -12.65 9.23 -8.55
CA ILE B 77 -12.30 10.51 -7.96
C ILE B 77 -13.55 11.09 -7.34
N SER B 78 -13.49 11.32 -6.04
CA SER B 78 -14.62 11.94 -5.30
C SER B 78 -14.30 13.42 -5.11
N GLY B 79 -15.32 14.25 -4.93
CA GLY B 79 -15.10 15.69 -4.74
C GLY B 79 -14.23 16.25 -5.84
N LEU B 80 -14.68 16.12 -7.08
CA LEU B 80 -13.90 16.59 -8.24
C LEU B 80 -13.61 18.08 -8.10
N GLN B 81 -12.36 18.47 -8.30
CA GLN B 81 -11.93 19.86 -8.32
C GLN B 81 -11.27 20.18 -9.66
N ALA B 82 -10.79 21.42 -9.76
CA ALA B 82 -10.27 21.91 -11.04
C ALA B 82 -9.04 21.15 -11.48
N GLU B 83 -8.08 20.94 -10.58
CA GLU B 83 -6.77 20.46 -10.98
C GLU B 83 -6.74 18.95 -11.23
N ASP B 84 -7.84 18.24 -10.95
CA ASP B 84 -7.96 16.85 -11.38
C ASP B 84 -8.09 16.69 -12.89
N GLU B 85 -8.32 17.79 -13.62
CA GLU B 85 -8.38 17.76 -15.08
C GLU B 85 -7.06 17.30 -15.69
N ALA B 86 -7.06 16.11 -16.31
CA ALA B 86 -5.82 15.56 -16.85
C ALA B 86 -6.02 14.26 -17.61
N ASP B 87 -4.93 13.64 -18.06
CA ASP B 87 -4.99 12.31 -18.67
C ASP B 87 -4.80 11.27 -17.57
N TYR B 88 -5.52 10.17 -17.66
CA TYR B 88 -5.44 9.10 -16.69
C TYR B 88 -5.23 7.78 -17.40
N TYR B 89 -4.18 7.06 -17.03
CA TYR B 89 -3.84 5.80 -17.66
C TYR B 89 -3.90 4.68 -16.63
N CYS B 90 -4.57 3.61 -16.98
CA CYS B 90 -4.41 2.38 -16.24
C CYS B 90 -3.26 1.58 -16.83
N SER B 91 -2.69 0.71 -16.01
CA SER B 91 -1.60 -0.14 -16.45
C SER B 91 -1.61 -1.38 -15.59
N SER B 92 -1.05 -2.46 -16.13
CA SER B 92 -0.99 -3.68 -15.35
C SER B 92 0.10 -4.60 -15.88
N TYR B 93 0.52 -5.50 -15.00
CA TYR B 93 1.47 -6.55 -15.36
C TYR B 93 0.68 -7.74 -15.90
N THR B 94 1.33 -8.52 -16.75
CA THR B 94 0.70 -9.66 -17.39
C THR B 94 1.34 -10.96 -16.92
N SER B 95 0.68 -12.07 -17.21
CA SER B 95 1.18 -13.37 -16.80
C SER B 95 2.48 -13.76 -17.50
N SER B 96 2.90 -13.01 -18.51
CA SER B 96 4.20 -13.23 -19.15
C SER B 96 5.22 -12.18 -18.74
N SER B 97 5.08 -11.64 -17.53
CA SER B 97 5.95 -10.60 -16.97
C SER B 97 6.23 -9.48 -17.97
N THR B 98 5.16 -9.01 -18.62
CA THR B 98 5.20 -7.84 -19.47
C THR B 98 4.30 -6.78 -18.84
N LEU B 99 4.49 -5.53 -19.25
CA LEU B 99 3.68 -4.43 -18.77
C LEU B 99 2.83 -3.88 -19.92
N VAL B 100 1.57 -3.58 -19.64
CA VAL B 100 0.68 -3.02 -20.63
C VAL B 100 -0.02 -1.81 -20.03
N PHE B 101 -0.43 -0.89 -20.89
CA PHE B 101 -1.10 0.33 -20.49
C PHE B 101 -2.50 0.38 -21.10
N GLY B 102 -3.28 1.35 -20.66
CA GLY B 102 -4.59 1.61 -21.23
C GLY B 102 -4.52 2.72 -22.26
N GLY B 103 -5.61 2.83 -23.03
CA GLY B 103 -5.68 3.85 -24.07
C GLY B 103 -5.58 5.27 -23.54
N GLY B 104 -5.87 5.49 -22.28
CA GLY B 104 -5.87 6.83 -21.74
C GLY B 104 -7.28 7.40 -21.67
N THR B 105 -7.50 8.24 -20.66
CA THR B 105 -8.79 8.91 -20.48
C THR B 105 -8.54 10.37 -20.16
N LYS B 106 -9.00 11.26 -21.03
CA LYS B 106 -8.95 12.69 -20.73
C LYS B 106 -10.15 13.04 -19.87
N LEU B 107 -9.88 13.61 -18.69
CA LEU B 107 -10.93 14.03 -17.77
C LEU B 107 -10.92 15.54 -17.67
N THR B 108 -12.03 16.15 -18.11
CA THR B 108 -12.33 17.56 -17.91
C THR B 108 -13.40 17.69 -16.83
N VAL B 109 -13.49 18.87 -16.23
CA VAL B 109 -14.50 19.14 -15.21
C VAL B 109 -15.33 20.33 -15.68
N LEU B 110 -16.65 20.19 -15.56
CA LEU B 110 -17.61 21.12 -16.11
C LEU B 110 -17.68 22.40 -15.27
N GLY B 111 -18.55 23.32 -15.68
CA GLY B 111 -18.83 24.52 -14.93
C GLY B 111 -18.12 25.78 -15.37
N GLN B 112 -17.60 25.84 -16.62
CA GLN B 112 -17.02 27.13 -16.95
C GLN B 112 -17.97 27.92 -17.83
N PRO B 113 -18.01 29.26 -17.66
CA PRO B 113 -19.19 30.03 -18.11
C PRO B 113 -19.44 30.05 -19.61
N LYS B 114 -18.58 29.40 -20.40
CA LYS B 114 -18.65 29.43 -21.87
C LYS B 114 -18.34 30.83 -22.39
N ALA B 115 -17.24 30.97 -23.12
CA ALA B 115 -16.83 32.25 -23.70
C ALA B 115 -16.79 32.15 -25.21
N ALA B 116 -17.20 33.24 -25.88
CA ALA B 116 -17.12 33.34 -27.33
C ALA B 116 -15.73 33.80 -27.75
N PRO B 117 -15.24 33.31 -28.90
CA PRO B 117 -13.86 33.61 -29.29
C PRO B 117 -13.65 35.06 -29.66
N SER B 118 -12.47 35.57 -29.37
CA SER B 118 -12.07 36.91 -29.79
C SER B 118 -11.01 36.74 -30.88
N VAL B 119 -11.38 37.10 -32.11
CA VAL B 119 -10.55 36.89 -33.29
C VAL B 119 -10.02 38.24 -33.76
N THR B 120 -8.74 38.28 -34.13
CA THR B 120 -8.17 39.43 -34.82
C THR B 120 -7.41 38.96 -36.05
N LEU B 121 -7.65 39.64 -37.17
CA LEU B 121 -7.12 39.29 -38.47
C LEU B 121 -6.11 40.34 -38.92
N PHE B 122 -4.91 39.89 -39.27
CA PHE B 122 -3.84 40.78 -39.69
C PHE B 122 -3.44 40.50 -41.12
N PRO B 123 -3.29 41.53 -41.95
CA PRO B 123 -2.90 41.34 -43.33
C PRO B 123 -1.39 41.35 -43.47
N PRO B 124 -0.85 40.99 -44.64
CA PRO B 124 0.60 40.98 -44.77
C PRO B 124 1.17 42.38 -44.59
N SER B 125 2.41 42.44 -44.15
CA SER B 125 3.05 43.72 -43.88
C SER B 125 3.92 44.12 -45.06
N SER B 126 4.46 45.34 -44.98
CA SER B 126 5.28 45.86 -46.07
C SER B 126 6.55 45.04 -46.22
N GLU B 127 7.28 44.84 -45.12
CA GLU B 127 8.56 44.15 -45.16
C GLU B 127 8.42 42.72 -45.66
N GLU B 128 7.26 42.10 -45.41
CA GLU B 128 7.05 40.74 -45.92
C GLU B 128 6.71 40.76 -47.40
N LEU B 129 5.85 41.70 -47.82
CA LEU B 129 5.52 41.84 -49.23
C LEU B 129 6.75 42.13 -50.08
N GLN B 130 7.73 42.89 -49.55
CA GLN B 130 8.95 43.15 -50.31
C GLN B 130 9.84 41.93 -50.44
N ALA B 131 9.55 40.85 -49.72
CA ALA B 131 10.28 39.60 -49.85
C ALA B 131 9.54 38.62 -50.76
N ASN B 132 8.56 39.11 -51.53
CA ASN B 132 7.81 38.37 -52.55
C ASN B 132 6.81 37.40 -51.96
N LYS B 133 6.49 37.52 -50.67
CA LYS B 133 5.51 36.65 -50.03
C LYS B 133 4.53 37.47 -49.22
N ALA B 134 3.46 36.82 -48.79
CA ALA B 134 2.38 37.47 -48.05
C ALA B 134 1.68 36.41 -47.19
N THR B 135 1.35 36.77 -45.95
CA THR B 135 0.64 35.87 -45.07
C THR B 135 -0.44 36.60 -44.28
N LEU B 136 -1.66 36.07 -44.32
CA LEU B 136 -2.74 36.54 -43.47
C LEU B 136 -2.76 35.70 -42.21
N VAL B 137 -2.89 36.36 -41.06
CA VAL B 137 -2.82 35.67 -39.78
C VAL B 137 -4.13 35.91 -39.03
N CYS B 138 -4.86 34.85 -38.76
CA CYS B 138 -6.12 34.90 -38.02
C CYS B 138 -5.82 34.32 -36.63
N LEU B 139 -5.91 35.16 -35.61
CA LEU B 139 -5.61 34.74 -34.25
C LEU B 139 -6.89 34.72 -33.42
N ILE B 140 -7.26 33.54 -32.97
CA ILE B 140 -8.46 33.31 -32.17
C ILE B 140 -8.02 33.09 -30.73
N SER B 141 -8.59 33.84 -29.80
CA SER B 141 -8.11 33.81 -28.42
C SER B 141 -9.28 33.83 -27.45
N ASP B 142 -9.03 33.28 -26.26
CA ASP B 142 -9.91 33.45 -25.09
C ASP B 142 -11.32 32.93 -25.36
N PHE B 143 -11.38 31.65 -25.75
CA PHE B 143 -12.65 30.98 -25.99
C PHE B 143 -12.69 29.64 -25.27
N TYR B 144 -13.92 29.18 -25.01
CA TYR B 144 -14.20 27.92 -24.33
C TYR B 144 -15.58 27.43 -24.73
N PRO B 145 -15.75 26.15 -25.08
CA PRO B 145 -14.74 25.09 -25.15
C PRO B 145 -13.73 25.25 -26.28
N GLY B 146 -12.65 24.47 -26.21
CA GLY B 146 -11.57 24.57 -27.18
C GLY B 146 -11.78 23.76 -28.44
N ALA B 147 -12.81 24.11 -29.21
CA ALA B 147 -13.08 23.44 -30.48
C ALA B 147 -13.75 24.45 -31.40
N VAL B 148 -13.03 24.87 -32.45
CA VAL B 148 -13.55 25.83 -33.42
C VAL B 148 -13.17 25.36 -34.82
N THR B 149 -13.99 25.75 -35.79
CA THR B 149 -13.66 25.59 -37.19
C THR B 149 -13.23 26.93 -37.77
N VAL B 150 -12.41 26.89 -38.82
CA VAL B 150 -11.93 28.12 -39.44
C VAL B 150 -12.07 28.01 -40.96
N ALA B 151 -12.38 29.15 -41.58
CA ALA B 151 -12.56 29.19 -43.02
C ALA B 151 -12.04 30.52 -43.54
N TRP B 152 -11.33 30.46 -44.66
CA TRP B 152 -10.79 31.65 -45.30
C TRP B 152 -11.57 31.95 -46.56
N LYS B 153 -11.77 33.22 -46.84
CA LYS B 153 -12.51 33.65 -48.03
C LYS B 153 -11.71 34.71 -48.77
N ALA B 154 -11.31 34.38 -49.99
CA ALA B 154 -10.84 35.36 -50.97
C ALA B 154 -12.04 35.74 -51.82
N ASP B 155 -12.26 37.04 -51.99
CA ASP B 155 -13.57 37.56 -52.41
C ASP B 155 -14.56 36.98 -51.40
N SER B 156 -15.58 36.27 -51.83
CA SER B 156 -16.34 35.37 -50.99
C SER B 156 -16.27 34.01 -51.65
N SER B 157 -15.06 33.47 -51.78
CA SER B 157 -14.85 32.18 -52.41
C SER B 157 -14.08 31.29 -51.45
N PRO B 158 -14.25 29.98 -51.57
CA PRO B 158 -13.50 29.09 -50.69
C PRO B 158 -12.05 29.06 -51.12
N VAL B 159 -11.16 28.81 -50.15
CA VAL B 159 -9.74 28.67 -50.39
C VAL B 159 -9.29 27.32 -49.88
N LYS B 160 -8.62 26.54 -50.72
CA LYS B 160 -8.06 25.25 -50.35
C LYS B 160 -6.55 25.21 -50.45
N ALA B 161 -5.91 26.32 -50.82
CA ALA B 161 -4.48 26.38 -51.05
C ALA B 161 -3.82 27.28 -50.01
N GLY B 162 -2.89 26.73 -49.26
CA GLY B 162 -2.00 27.52 -48.41
C GLY B 162 -2.53 27.96 -47.06
N VAL B 163 -3.54 27.29 -46.50
CA VAL B 163 -4.03 27.60 -45.17
C VAL B 163 -3.56 26.51 -44.22
N GLU B 164 -3.06 26.92 -43.06
CA GLU B 164 -2.64 25.98 -42.03
C GLU B 164 -3.12 26.51 -40.68
N THR B 165 -3.78 25.66 -39.90
CA THR B 165 -4.38 26.04 -38.63
C THR B 165 -3.82 25.19 -37.50
N THR B 166 -3.73 25.82 -36.32
CA THR B 166 -3.28 25.11 -35.13
C THR B 166 -4.44 24.32 -34.51
N THR B 167 -4.07 23.28 -33.77
CA THR B 167 -5.02 22.66 -32.86
C THR B 167 -5.20 23.56 -31.65
N PRO B 168 -6.40 23.59 -31.07
CA PRO B 168 -6.66 24.49 -29.94
C PRO B 168 -5.69 24.27 -28.79
N SER B 169 -5.16 25.38 -28.28
CA SER B 169 -4.23 25.36 -27.16
C SER B 169 -4.87 26.02 -25.94
N LYS B 170 -4.64 25.43 -24.77
CA LYS B 170 -5.17 25.97 -23.53
C LYS B 170 -4.21 27.02 -22.99
N GLN B 171 -4.71 28.23 -22.78
CA GLN B 171 -3.90 29.33 -22.27
C GLN B 171 -3.94 29.30 -20.74
N SER B 172 -3.20 30.22 -20.11
CA SER B 172 -3.03 30.22 -18.67
C SER B 172 -4.22 30.82 -17.93
N ASN B 173 -5.35 31.02 -18.60
CA ASN B 173 -6.60 31.38 -17.95
C ASN B 173 -7.65 30.29 -18.10
N ASN B 174 -7.18 29.05 -18.29
CA ASN B 174 -7.99 27.92 -18.73
C ASN B 174 -9.05 28.35 -19.73
N LYS B 175 -8.60 29.03 -20.79
CA LYS B 175 -9.37 29.24 -22.00
C LYS B 175 -8.45 28.88 -23.17
N TYR B 176 -9.01 28.88 -24.38
CA TYR B 176 -8.29 28.29 -25.50
C TYR B 176 -7.91 29.32 -26.55
N ALA B 177 -6.95 28.95 -27.37
CA ALA B 177 -6.40 29.80 -28.41
C ALA B 177 -6.07 28.96 -29.64
N ALA B 178 -6.06 29.62 -30.79
CA ALA B 178 -5.70 28.98 -32.05
C ALA B 178 -5.22 30.03 -33.01
N SER B 179 -4.45 29.60 -34.00
CA SER B 179 -3.96 30.46 -35.06
C SER B 179 -4.19 29.80 -36.40
N SER B 180 -4.35 30.61 -37.44
CA SER B 180 -4.34 30.11 -38.80
C SER B 180 -3.61 31.10 -39.70
N TYR B 181 -2.95 30.57 -40.72
CA TYR B 181 -2.10 31.34 -41.60
C TYR B 181 -2.43 30.96 -43.04
N LEU B 182 -2.74 31.97 -43.85
CA LEU B 182 -2.98 31.80 -45.28
C LEU B 182 -1.85 32.47 -46.04
N SER B 183 -1.15 31.71 -46.86
CA SER B 183 0.03 32.20 -47.58
C SER B 183 -0.31 32.45 -49.05
N LEU B 184 0.14 33.60 -49.56
CA LEU B 184 -0.15 34.06 -50.91
C LEU B 184 1.05 34.82 -51.43
N THR B 185 1.31 34.70 -52.73
CA THR B 185 2.12 35.71 -53.39
C THR B 185 1.42 37.06 -53.32
N PRO B 186 2.18 38.16 -53.26
CA PRO B 186 1.54 39.50 -53.24
C PRO B 186 0.60 39.74 -54.42
N GLU B 187 0.89 39.11 -55.55
CA GLU B 187 0.05 39.28 -56.73
C GLU B 187 -1.36 38.73 -56.48
N GLN B 188 -1.47 37.54 -55.88
CA GLN B 188 -2.78 37.05 -55.45
C GLN B 188 -3.35 37.86 -54.29
N TRP B 189 -2.47 38.40 -53.44
CA TRP B 189 -2.94 39.18 -52.28
C TRP B 189 -3.72 40.41 -52.72
N LYS B 190 -3.26 41.10 -53.77
CA LYS B 190 -3.97 42.26 -54.27
C LYS B 190 -4.82 41.97 -55.49
N SER B 191 -4.90 40.71 -55.94
CA SER B 191 -5.83 40.36 -57.00
C SER B 191 -7.29 40.45 -56.54
N HIS B 192 -7.62 39.59 -55.57
CA HIS B 192 -9.00 39.40 -55.07
C HIS B 192 -9.54 40.63 -54.32
N ARG B 193 -10.87 40.70 -54.24
CA ARG B 193 -11.66 41.80 -53.60
C ARG B 193 -11.17 42.06 -52.18
N SER B 194 -11.20 41.03 -51.33
CA SER B 194 -10.77 41.19 -49.92
C SER B 194 -10.55 39.80 -49.31
N TYR B 195 -9.74 39.75 -48.26
CA TYR B 195 -9.46 38.48 -47.60
C TYR B 195 -10.13 38.49 -46.23
N SER B 196 -10.61 37.32 -45.83
CA SER B 196 -11.40 37.30 -44.61
C SER B 196 -11.40 35.92 -43.97
N CYS B 197 -11.91 35.89 -42.74
CA CYS B 197 -11.69 34.80 -41.81
C CYS B 197 -12.97 34.60 -41.02
N GLN B 198 -13.63 33.47 -41.22
CA GLN B 198 -14.84 33.11 -40.52
C GLN B 198 -14.51 31.96 -39.57
N VAL B 199 -14.59 32.23 -38.26
CA VAL B 199 -14.39 31.21 -37.24
C VAL B 199 -15.75 30.79 -36.72
N THR B 200 -16.04 29.50 -36.80
CA THR B 200 -17.31 28.96 -36.32
C THR B 200 -17.10 28.27 -34.97
N HIS B 201 -17.83 28.76 -33.97
CA HIS B 201 -17.82 28.26 -32.60
C HIS B 201 -19.22 28.42 -32.05
N GLU B 202 -19.60 27.53 -31.13
CA GLU B 202 -20.93 27.52 -30.53
C GLU B 202 -21.95 27.03 -31.56
N GLY B 203 -21.53 26.89 -32.80
CA GLY B 203 -22.46 26.81 -33.93
C GLY B 203 -22.57 28.15 -34.64
N SER B 204 -22.58 29.23 -33.87
CA SER B 204 -22.45 30.58 -34.40
C SER B 204 -21.13 30.75 -35.14
N THR B 205 -21.04 31.83 -35.92
CA THR B 205 -19.80 32.19 -36.59
C THR B 205 -19.49 33.65 -36.31
N VAL B 206 -18.21 33.99 -36.42
CA VAL B 206 -17.73 35.35 -36.26
C VAL B 206 -16.75 35.63 -37.40
N GLU B 207 -16.90 36.79 -38.03
CA GLU B 207 -16.18 37.14 -39.25
C GLU B 207 -15.26 38.32 -38.99
N LYS B 208 -14.07 38.28 -39.58
CA LYS B 208 -13.20 39.44 -39.65
C LYS B 208 -12.73 39.61 -41.09
N THR B 209 -12.38 40.85 -41.44
CA THR B 209 -12.10 41.23 -42.82
C THR B 209 -10.89 42.15 -42.90
N VAL B 210 -10.16 42.04 -44.02
CA VAL B 210 -9.02 42.89 -44.32
C VAL B 210 -8.95 43.05 -45.83
N ALA B 211 -8.52 44.24 -46.25
CA ALA B 211 -8.42 44.60 -47.66
C ALA B 211 -7.05 45.18 -47.93
N PRO B 212 -6.54 45.02 -49.15
CA PRO B 212 -5.18 45.52 -49.46
C PRO B 212 -5.09 47.04 -49.28
N THR B 213 -4.20 47.44 -48.37
CA THR B 213 -4.00 48.84 -47.95
C THR B 213 -5.24 49.72 -48.07
N GLU C 1 -13.52 7.86 13.03
CA GLU C 1 -12.77 6.70 13.51
C GLU C 1 -13.64 5.44 13.47
N VAL C 2 -13.05 4.36 12.97
CA VAL C 2 -13.73 3.07 12.93
C VAL C 2 -13.52 2.37 14.27
N GLN C 3 -14.62 1.86 14.85
CA GLN C 3 -14.56 1.20 16.15
C GLN C 3 -15.39 -0.07 16.10
N LEU C 4 -14.78 -1.20 16.42
CA LEU C 4 -15.47 -2.47 16.64
C LEU C 4 -15.39 -2.80 18.11
N VAL C 5 -16.54 -2.82 18.79
CA VAL C 5 -16.61 -3.03 20.23
C VAL C 5 -17.36 -4.33 20.49
N GLN C 6 -16.72 -5.25 21.22
CA GLN C 6 -17.31 -6.54 21.54
C GLN C 6 -17.89 -6.52 22.95
N SER C 7 -18.71 -7.53 23.22
CA SER C 7 -19.31 -7.69 24.54
C SER C 7 -18.25 -8.06 25.58
N GLY C 8 -18.62 -7.93 26.84
CA GLY C 8 -17.72 -8.23 27.93
C GLY C 8 -17.47 -9.72 28.09
N ALA C 9 -16.51 -10.02 28.96
CA ALA C 9 -16.11 -11.40 29.20
C ALA C 9 -17.27 -12.22 29.74
N GLU C 10 -17.24 -13.53 29.47
CA GLU C 10 -18.27 -14.45 29.90
C GLU C 10 -17.64 -15.68 30.53
N VAL C 11 -18.23 -16.12 31.64
CA VAL C 11 -17.89 -17.36 32.32
C VAL C 11 -19.12 -18.25 32.28
N LYS C 12 -18.96 -19.46 31.74
CA LYS C 12 -20.08 -20.35 31.50
C LYS C 12 -19.75 -21.75 31.97
N LYS C 13 -20.80 -22.53 32.23
CA LYS C 13 -20.74 -23.94 32.57
C LYS C 13 -20.88 -24.79 31.31
N PRO C 14 -20.26 -25.96 31.29
CA PRO C 14 -20.38 -26.84 30.11
C PRO C 14 -21.83 -27.14 29.77
N GLY C 15 -22.13 -27.09 28.47
CA GLY C 15 -23.49 -27.37 27.98
C GLY C 15 -24.32 -26.12 27.84
N ALA C 16 -23.77 -24.98 28.22
CA ALA C 16 -24.51 -23.70 28.17
C ALA C 16 -24.34 -23.06 26.79
N SER C 17 -24.98 -21.92 26.60
CA SER C 17 -24.89 -21.18 25.32
C SER C 17 -24.22 -19.84 25.55
N VAL C 18 -23.54 -19.31 24.52
CA VAL C 18 -22.92 -18.01 24.57
C VAL C 18 -23.13 -17.34 23.22
N LYS C 19 -23.30 -16.01 23.26
CA LYS C 19 -23.52 -15.21 22.07
C LYS C 19 -22.62 -13.98 22.16
N VAL C 20 -21.48 -14.03 21.48
CA VAL C 20 -20.60 -12.88 21.42
C VAL C 20 -21.19 -11.86 20.45
N SER C 21 -21.24 -10.60 20.88
CA SER C 21 -21.74 -9.51 20.06
C SER C 21 -20.57 -8.63 19.63
N CYS C 22 -20.76 -7.95 18.50
CA CYS C 22 -19.71 -7.09 17.96
C CYS C 22 -20.39 -5.94 17.22
N LYS C 23 -20.34 -4.74 17.79
CA LYS C 23 -20.99 -3.57 17.21
C LYS C 23 -19.95 -2.70 16.52
N ALA C 24 -20.23 -2.35 15.27
CA ALA C 24 -19.36 -1.53 14.43
C ALA C 24 -19.85 -0.09 14.41
N SER C 25 -18.92 0.85 14.30
CA SER C 25 -19.27 2.26 14.26
C SER C 25 -18.23 3.03 13.46
N GLY C 26 -18.69 4.09 12.80
CA GLY C 26 -17.82 5.00 12.08
C GLY C 26 -17.70 4.76 10.58
N TYR C 27 -18.56 3.94 10.00
CA TYR C 27 -18.50 3.59 8.58
C TYR C 27 -19.81 2.89 8.23
N THR C 28 -20.02 2.71 6.92
CA THR C 28 -21.26 2.08 6.44
C THR C 28 -21.23 0.59 6.75
N PHE C 29 -22.10 0.17 7.66
CA PHE C 29 -22.08 -1.19 8.19
C PHE C 29 -22.22 -2.24 7.10
N THR C 30 -23.01 -1.96 6.06
CA THR C 30 -23.25 -2.94 5.00
C THR C 30 -22.10 -3.04 4.00
N GLY C 31 -21.07 -2.20 4.13
CA GLY C 31 -20.03 -2.14 3.12
C GLY C 31 -18.99 -3.24 3.19
N TYR C 32 -18.79 -3.84 4.36
CA TYR C 32 -17.68 -4.76 4.58
C TYR C 32 -18.15 -6.08 5.18
N TYR C 33 -17.53 -7.17 4.74
CA TYR C 33 -17.72 -8.47 5.38
C TYR C 33 -17.04 -8.50 6.74
N PHE C 34 -17.53 -9.39 7.61
CA PHE C 34 -16.97 -9.57 8.94
C PHE C 34 -16.36 -10.95 9.08
N HIS C 35 -15.20 -11.01 9.73
CA HIS C 35 -14.52 -12.26 10.08
C HIS C 35 -14.66 -12.52 11.57
N TRP C 36 -14.98 -13.76 11.92
CA TRP C 36 -14.87 -14.26 13.29
C TRP C 36 -13.70 -15.22 13.36
N VAL C 37 -12.84 -15.01 14.35
CA VAL C 37 -11.62 -15.79 14.57
C VAL C 37 -11.47 -16.04 16.06
N ARG C 38 -11.26 -17.30 16.45
CA ARG C 38 -11.10 -17.65 17.86
C ARG C 38 -9.66 -18.01 18.15
N GLN C 39 -9.26 -17.79 19.41
CA GLN C 39 -7.89 -18.07 19.86
C GLN C 39 -7.94 -18.71 21.23
N ALA C 40 -7.60 -19.99 21.30
CA ALA C 40 -7.46 -20.66 22.58
C ALA C 40 -6.26 -20.09 23.33
N PRO C 41 -6.30 -20.06 24.66
CA PRO C 41 -5.24 -19.37 25.41
C PRO C 41 -3.89 -20.03 25.17
N GLY C 42 -2.90 -19.19 24.86
CA GLY C 42 -1.56 -19.67 24.56
C GLY C 42 -1.41 -20.27 23.17
N GLN C 43 -2.48 -20.37 22.40
CA GLN C 43 -2.46 -21.01 21.09
C GLN C 43 -2.59 -19.95 19.99
N GLY C 44 -2.74 -20.42 18.75
CA GLY C 44 -2.75 -19.52 17.61
C GLY C 44 -4.14 -19.11 17.18
N LEU C 45 -4.18 -18.33 16.10
CA LEU C 45 -5.44 -17.82 15.55
C LEU C 45 -6.05 -18.85 14.61
N GLU C 46 -7.36 -19.05 14.73
CA GLU C 46 -8.10 -19.97 13.87
C GLU C 46 -9.28 -19.26 13.27
N TRP C 47 -9.36 -19.24 11.94
CA TRP C 47 -10.47 -18.58 11.26
C TRP C 47 -11.76 -19.37 11.51
N MET C 48 -12.76 -18.70 12.08
CA MET C 48 -14.05 -19.34 12.30
C MET C 48 -14.98 -19.16 11.11
N GLY C 49 -15.00 -17.98 10.52
CA GLY C 49 -15.79 -17.79 9.31
C GLY C 49 -16.01 -16.33 9.01
N TRP C 50 -16.75 -16.08 7.92
CA TRP C 50 -17.15 -14.72 7.56
C TRP C 50 -18.64 -14.63 7.35
N ILE C 51 -19.17 -13.43 7.55
CA ILE C 51 -20.57 -13.11 7.35
C ILE C 51 -20.70 -11.80 6.58
N ASN C 52 -21.63 -11.76 5.63
CA ASN C 52 -21.93 -10.55 4.89
C ASN C 52 -23.07 -9.80 5.56
N PRO C 53 -22.84 -8.58 6.06
CA PRO C 53 -23.87 -7.93 6.89
C PRO C 53 -25.17 -7.61 6.18
N ILE C 54 -25.15 -7.32 4.89
CA ILE C 54 -26.38 -6.89 4.23
C ILE C 54 -27.20 -8.08 3.75
N SER C 55 -26.54 -9.14 3.30
CA SER C 55 -27.27 -10.33 2.85
C SER C 55 -27.44 -11.37 3.94
N GLY C 56 -26.69 -11.28 5.03
CA GLY C 56 -26.66 -12.34 6.01
C GLY C 56 -25.92 -13.58 5.56
N GLY C 57 -25.42 -13.61 4.33
CA GLY C 57 -24.71 -14.78 3.85
C GLY C 57 -23.47 -15.07 4.69
N THR C 58 -23.23 -16.35 4.93
CA THR C 58 -22.16 -16.78 5.81
C THR C 58 -21.33 -17.85 5.10
N LYS C 59 -20.10 -18.00 5.56
CA LYS C 59 -19.28 -19.15 5.23
C LYS C 59 -18.44 -19.51 6.45
N TYR C 60 -18.58 -20.75 6.92
CA TYR C 60 -17.88 -21.22 8.10
C TYR C 60 -16.69 -22.08 7.70
N ALA C 61 -15.63 -21.98 8.50
CA ALA C 61 -14.52 -22.91 8.37
C ALA C 61 -15.01 -24.34 8.63
N GLN C 62 -14.30 -25.31 8.04
CA GLN C 62 -14.72 -26.71 8.22
C GLN C 62 -14.59 -27.17 9.66
N LYS C 63 -13.74 -26.52 10.45
CA LYS C 63 -13.58 -26.91 11.85
C LYS C 63 -14.78 -26.51 12.69
N PHE C 64 -15.45 -25.42 12.32
CA PHE C 64 -16.54 -24.87 13.12
C PHE C 64 -17.91 -25.05 12.47
N GLN C 65 -17.98 -25.74 11.34
CA GLN C 65 -19.26 -25.88 10.66
C GLN C 65 -20.19 -26.74 11.49
N GLY C 66 -21.43 -26.29 11.63
CA GLY C 66 -22.44 -27.08 12.31
C GLY C 66 -22.78 -26.65 13.72
N TRP C 67 -21.78 -26.39 14.56
CA TRP C 67 -22.03 -26.11 15.96
C TRP C 67 -21.91 -24.63 16.34
N VAL C 68 -21.52 -23.76 15.42
CA VAL C 68 -21.52 -22.32 15.64
C VAL C 68 -22.43 -21.68 14.59
N THR C 69 -23.06 -20.56 14.96
CA THR C 69 -23.83 -19.81 13.98
C THR C 69 -23.52 -18.32 14.07
N MET C 70 -23.34 -17.70 12.91
CA MET C 70 -23.17 -16.27 12.78
C MET C 70 -24.47 -15.64 12.31
N THR C 71 -24.81 -14.50 12.91
CA THR C 71 -25.98 -13.73 12.49
C THR C 71 -25.60 -12.25 12.50
N ARG C 72 -26.55 -11.41 12.06
CA ARG C 72 -26.32 -9.99 12.05
C ARG C 72 -27.62 -9.25 12.32
N ALA C 73 -27.49 -8.01 12.77
CA ALA C 73 -28.60 -7.08 12.91
C ALA C 73 -28.10 -5.73 12.42
N THR C 74 -28.61 -5.28 11.26
CA THR C 74 -28.18 -4.01 10.70
C THR C 74 -28.88 -2.83 11.36
N SER C 75 -30.01 -3.06 12.03
CA SER C 75 -30.63 -2.03 12.84
C SER C 75 -29.66 -1.46 13.87
N ILE C 76 -28.84 -2.32 14.47
CA ILE C 76 -27.91 -1.94 15.52
C ILE C 76 -26.46 -2.01 15.08
N SER C 77 -26.19 -2.36 13.82
CA SER C 77 -24.82 -2.44 13.29
C SER C 77 -24.00 -3.47 14.05
N THR C 78 -24.60 -4.64 14.27
CA THR C 78 -24.01 -5.66 15.13
C THR C 78 -23.95 -7.01 14.41
N VAL C 79 -22.87 -7.75 14.66
CA VAL C 79 -22.75 -9.14 14.22
C VAL C 79 -22.61 -10.03 15.46
N TYR C 80 -23.15 -11.24 15.35
CA TYR C 80 -23.27 -12.17 16.47
C TYR C 80 -22.64 -13.51 16.13
N MET C 81 -21.88 -14.04 17.08
CA MET C 81 -21.29 -15.37 17.00
C MET C 81 -21.80 -16.19 18.17
N GLU C 82 -22.63 -17.20 17.90
CA GLU C 82 -23.27 -17.98 18.95
C GLU C 82 -22.75 -19.41 18.93
N VAL C 83 -22.31 -19.88 20.10
CA VAL C 83 -21.88 -21.25 20.33
C VAL C 83 -22.77 -21.84 21.41
N SER C 84 -23.43 -22.95 21.12
CA SER C 84 -24.34 -23.59 22.05
C SER C 84 -23.88 -25.01 22.35
N ARG C 85 -24.12 -25.44 23.60
CA ARG C 85 -23.61 -26.70 24.15
C ARG C 85 -22.08 -26.65 24.26
N LEU C 86 -21.61 -25.72 25.09
CA LEU C 86 -20.18 -25.51 25.23
C LEU C 86 -19.48 -26.68 25.88
N ARG C 87 -18.22 -26.88 25.50
CA ARG C 87 -17.30 -27.82 26.09
C ARG C 87 -16.13 -27.05 26.70
N SER C 88 -15.28 -27.74 27.43
CA SER C 88 -14.07 -27.11 27.93
C SER C 88 -13.04 -26.91 26.82
N ASP C 89 -13.26 -27.53 25.65
CA ASP C 89 -12.46 -27.22 24.47
C ASP C 89 -12.63 -25.76 24.04
N ASP C 90 -13.76 -25.16 24.39
CA ASP C 90 -14.16 -23.87 23.84
C ASP C 90 -13.67 -22.68 24.66
N THR C 91 -12.97 -22.90 25.77
CA THR C 91 -12.38 -21.78 26.49
C THR C 91 -11.40 -21.04 25.59
N ALA C 92 -11.74 -19.83 25.19
CA ALA C 92 -10.93 -19.10 24.22
C ALA C 92 -11.40 -17.65 24.18
N VAL C 93 -10.62 -16.80 23.55
CA VAL C 93 -11.04 -15.43 23.27
C VAL C 93 -11.44 -15.34 21.81
N TYR C 94 -12.57 -14.69 21.56
CA TYR C 94 -13.20 -14.62 20.25
C TYR C 94 -13.14 -13.19 19.74
N TYR C 95 -12.67 -13.03 18.50
CA TYR C 95 -12.48 -11.74 17.86
C TYR C 95 -13.40 -11.62 16.64
N CYS C 96 -14.00 -10.44 16.49
CA CYS C 96 -14.55 -10.02 15.22
C CYS C 96 -13.58 -9.03 14.57
N ALA C 97 -13.54 -9.05 13.25
CA ALA C 97 -12.69 -8.17 12.48
C ALA C 97 -13.42 -7.75 11.21
N ARG C 98 -13.11 -6.55 10.74
CA ARG C 98 -13.66 -6.09 9.47
C ARG C 98 -12.79 -6.60 8.33
N GLY C 99 -13.41 -7.27 7.37
CA GLY C 99 -12.65 -7.86 6.29
C GLY C 99 -12.77 -7.13 4.98
N HIS C 100 -12.94 -7.88 3.90
CA HIS C 100 -13.08 -7.29 2.58
C HIS C 100 -14.41 -6.56 2.46
N THR C 101 -14.58 -5.86 1.34
CA THR C 101 -15.78 -5.08 1.07
C THR C 101 -16.73 -5.88 0.20
N TYR C 102 -17.85 -5.23 -0.18
CA TYR C 102 -18.91 -5.91 -0.89
C TYR C 102 -18.44 -6.53 -2.21
N ASN C 103 -17.45 -5.93 -2.85
CA ASN C 103 -16.89 -6.48 -4.08
C ASN C 103 -15.54 -7.17 -3.85
N TRP C 104 -15.26 -7.55 -2.60
CA TRP C 104 -14.15 -8.44 -2.27
C TRP C 104 -12.81 -7.84 -2.69
N ASN C 105 -12.53 -6.64 -2.18
CA ASN C 105 -11.39 -5.87 -2.67
C ASN C 105 -10.32 -5.65 -1.61
N TYR C 106 -10.64 -5.02 -0.48
CA TYR C 106 -9.61 -4.74 0.52
C TYR C 106 -9.53 -5.97 1.43
N ALA C 107 -8.84 -7.00 0.93
CA ALA C 107 -8.85 -8.33 1.55
C ALA C 107 -7.79 -8.42 2.64
N TYR C 108 -8.10 -7.78 3.76
CA TYR C 108 -7.31 -7.86 4.97
C TYR C 108 -8.18 -7.34 6.11
N CYS C 109 -7.68 -7.50 7.33
CA CYS C 109 -8.40 -7.03 8.50
C CYS C 109 -7.53 -6.01 9.21
N ASP C 110 -7.99 -4.76 9.22
CA ASP C 110 -7.28 -3.66 9.85
C ASP C 110 -7.90 -3.25 11.17
N TYR C 111 -9.20 -3.50 11.33
CA TYR C 111 -9.94 -3.14 12.53
C TYR C 111 -10.46 -4.42 13.18
N TRP C 112 -10.04 -4.64 14.42
CA TRP C 112 -10.43 -5.81 15.20
C TRP C 112 -11.21 -5.37 16.43
N GLY C 113 -12.08 -6.24 16.90
CA GLY C 113 -12.65 -6.06 18.22
C GLY C 113 -11.59 -6.24 19.29
N GLN C 114 -11.92 -5.79 20.51
CA GLN C 114 -10.99 -5.97 21.61
C GLN C 114 -10.90 -7.43 22.04
N GLY C 115 -11.90 -8.24 21.70
CA GLY C 115 -11.92 -9.64 22.07
C GLY C 115 -12.87 -9.93 23.20
N THR C 116 -13.56 -11.06 23.13
CA THR C 116 -14.42 -11.52 24.22
C THR C 116 -13.84 -12.83 24.74
N LEU C 117 -13.45 -12.85 26.00
CA LEU C 117 -13.00 -14.09 26.63
C LEU C 117 -14.19 -14.91 27.09
N VAL C 118 -14.25 -16.17 26.66
CA VAL C 118 -15.27 -17.12 27.08
C VAL C 118 -14.58 -18.25 27.82
N THR C 119 -14.88 -18.38 29.11
CA THR C 119 -14.23 -19.34 30.00
C THR C 119 -15.22 -20.42 30.40
N VAL C 120 -14.93 -21.66 30.02
CA VAL C 120 -15.82 -22.80 30.28
C VAL C 120 -15.17 -23.70 31.32
N SER C 121 -15.78 -23.77 32.50
CA SER C 121 -15.35 -24.70 33.54
C SER C 121 -16.56 -25.07 34.38
N SER C 122 -16.49 -26.24 35.02
CA SER C 122 -17.59 -26.76 35.81
C SER C 122 -17.65 -26.20 37.21
N ALA C 123 -16.74 -25.30 37.57
CA ALA C 123 -16.77 -24.63 38.86
C ALA C 123 -17.93 -23.64 38.88
N SER C 124 -18.13 -22.98 40.03
CA SER C 124 -19.10 -21.91 40.10
C SER C 124 -18.55 -20.77 40.95
N THR C 125 -19.21 -19.62 40.84
CA THR C 125 -18.68 -18.38 41.39
C THR C 125 -18.49 -18.50 42.89
N LYS C 126 -17.26 -18.38 43.34
CA LYS C 126 -17.05 -18.48 44.77
C LYS C 126 -15.83 -17.66 45.18
N GLY C 127 -16.06 -16.68 46.06
CA GLY C 127 -15.05 -15.79 46.58
C GLY C 127 -13.91 -16.48 47.30
N PRO C 128 -12.76 -15.82 47.32
CA PRO C 128 -11.55 -16.42 47.87
C PRO C 128 -11.55 -16.37 49.40
N SER C 129 -10.42 -16.80 49.97
CA SER C 129 -10.13 -16.53 51.36
C SER C 129 -8.67 -16.14 51.46
N VAL C 130 -8.39 -15.02 52.11
CA VAL C 130 -7.07 -14.41 52.10
C VAL C 130 -6.44 -14.61 53.48
N PHE C 131 -5.15 -14.93 53.48
CA PHE C 131 -4.40 -15.15 54.70
C PHE C 131 -3.10 -14.35 54.64
N PRO C 132 -2.67 -13.80 55.78
CA PRO C 132 -1.44 -13.00 55.78
C PRO C 132 -0.21 -13.86 55.99
N LEU C 133 0.76 -13.75 55.09
CA LEU C 133 2.02 -14.45 55.24
C LEU C 133 2.96 -13.46 55.94
N ALA C 134 3.17 -13.69 57.23
CA ALA C 134 3.86 -12.73 58.07
C ALA C 134 5.33 -12.67 57.69
N PRO C 135 5.96 -11.51 57.80
CA PRO C 135 7.41 -11.45 57.53
C PRO C 135 8.08 -12.42 58.51
N SER C 136 9.08 -13.15 58.01
CA SER C 136 9.64 -14.25 58.76
C SER C 136 10.96 -13.84 59.40
N SER C 137 11.23 -14.40 60.57
CA SER C 137 12.40 -14.05 61.37
C SER C 137 12.53 -14.96 62.61
N GLY C 143 19.74 -7.66 53.32
CA GLY C 143 18.91 -8.09 54.43
C GLY C 143 17.74 -7.17 54.71
N THR C 144 16.54 -7.63 54.36
CA THR C 144 15.29 -6.92 54.65
C THR C 144 14.17 -7.94 54.61
N ALA C 145 12.93 -7.49 54.84
CA ALA C 145 11.88 -8.42 55.22
C ALA C 145 10.70 -8.34 54.26
N ALA C 146 10.16 -9.49 53.90
CA ALA C 146 9.06 -9.57 52.94
C ALA C 146 7.80 -10.07 53.62
N LEU C 147 6.69 -9.40 53.34
CA LEU C 147 5.36 -9.80 53.78
C LEU C 147 4.56 -10.23 52.56
N GLY C 148 3.49 -11.00 52.80
CA GLY C 148 2.72 -11.49 51.68
C GLY C 148 1.26 -11.64 52.00
N CYS C 149 0.48 -11.80 50.94
CA CYS C 149 -0.94 -12.12 51.04
C CYS C 149 -1.23 -13.30 50.12
N LEU C 150 -1.88 -14.33 50.67
CA LEU C 150 -2.27 -15.49 49.89
C LEU C 150 -3.78 -15.48 49.74
N VAL C 151 -4.24 -15.39 48.51
CA VAL C 151 -5.66 -15.39 48.17
C VAL C 151 -5.93 -16.80 47.66
N LYS C 152 -6.46 -17.65 48.53
CA LYS C 152 -6.59 -19.07 48.24
C LYS C 152 -8.00 -19.37 47.78
N ASP C 153 -8.09 -20.24 46.77
CA ASP C 153 -9.35 -20.85 46.32
C ASP C 153 -10.39 -19.81 45.93
N TYR C 154 -10.40 -19.39 44.66
CA TYR C 154 -11.46 -18.51 44.17
C TYR C 154 -11.81 -18.88 42.74
N PHE C 155 -12.98 -18.41 42.31
CA PHE C 155 -13.46 -18.59 40.94
C PHE C 155 -14.62 -17.65 40.67
N PRO C 156 -14.66 -16.99 39.52
CA PRO C 156 -13.64 -17.09 38.46
C PRO C 156 -12.54 -16.05 38.61
N GLU C 157 -11.75 -15.86 37.57
CA GLU C 157 -10.77 -14.79 37.54
C GLU C 157 -11.44 -13.48 37.15
N PRO C 158 -10.82 -12.33 37.46
CA PRO C 158 -9.56 -12.15 38.19
C PRO C 158 -9.74 -11.55 39.58
N VAL C 159 -8.63 -11.42 40.31
CA VAL C 159 -8.59 -10.69 41.56
C VAL C 159 -7.51 -9.62 41.44
N THR C 160 -7.79 -8.46 42.04
CA THR C 160 -6.83 -7.35 42.10
C THR C 160 -6.41 -7.18 43.55
N VAL C 161 -5.10 -7.18 43.80
CA VAL C 161 -4.56 -7.06 45.14
C VAL C 161 -3.71 -5.79 45.21
N SER C 162 -4.16 -4.83 46.00
CA SER C 162 -3.46 -3.59 46.29
C SER C 162 -2.78 -3.69 47.65
N TRP C 163 -1.75 -2.87 47.84
CA TRP C 163 -1.09 -2.79 49.13
C TRP C 163 -1.25 -1.38 49.67
N ASN C 164 -1.72 -1.27 50.92
CA ASN C 164 -2.06 0.01 51.51
C ASN C 164 -2.96 0.82 50.59
N SER C 165 -3.96 0.14 50.04
CA SER C 165 -4.91 0.71 49.07
C SER C 165 -4.19 1.56 48.04
N GLY C 166 -3.24 0.93 47.33
CA GLY C 166 -2.57 1.55 46.20
C GLY C 166 -1.57 2.64 46.51
N ALA C 167 -1.45 3.09 47.76
CA ALA C 167 -0.62 4.26 48.01
C ALA C 167 0.87 3.99 48.02
N LEU C 168 1.32 2.75 48.16
CA LEU C 168 2.73 2.43 47.97
C LEU C 168 2.84 1.22 47.05
N THR C 169 3.36 1.48 45.85
CA THR C 169 3.35 0.55 44.73
C THR C 169 4.64 -0.25 44.56
N SER C 170 5.74 0.18 45.19
CA SER C 170 7.05 -0.35 44.82
C SER C 170 7.46 -1.51 45.70
N GLY C 171 8.37 -2.34 45.18
CA GLY C 171 8.76 -3.57 45.83
C GLY C 171 7.73 -4.67 45.78
N VAL C 172 6.58 -4.45 45.13
CA VAL C 172 5.48 -5.40 45.12
C VAL C 172 5.60 -6.32 43.92
N HIS C 173 5.47 -7.62 44.16
CA HIS C 173 5.43 -8.65 43.12
C HIS C 173 4.14 -9.45 43.33
N THR C 174 3.13 -9.20 42.51
CA THR C 174 1.89 -9.97 42.51
C THR C 174 2.00 -11.05 41.44
N PHE C 175 1.91 -12.32 41.86
CA PHE C 175 2.13 -13.43 40.94
C PHE C 175 0.83 -13.87 40.30
N PRO C 176 0.88 -14.40 39.07
CA PRO C 176 -0.31 -14.98 38.47
C PRO C 176 -0.77 -16.22 39.22
N ALA C 177 -2.06 -16.52 39.09
CA ALA C 177 -2.69 -17.57 39.86
C ALA C 177 -2.34 -18.95 39.32
N VAL C 178 -2.35 -19.95 40.23
CA VAL C 178 -2.36 -21.36 39.85
C VAL C 178 -3.82 -21.78 39.68
N LEU C 179 -4.04 -22.81 38.88
CA LEU C 179 -5.35 -23.43 38.74
C LEU C 179 -5.24 -24.85 39.26
N GLN C 180 -5.81 -25.10 40.43
CA GLN C 180 -5.72 -26.44 41.04
C GLN C 180 -6.77 -27.34 40.38
N SER C 181 -6.63 -28.64 40.58
CA SER C 181 -7.58 -29.66 40.04
C SER C 181 -9.01 -29.32 40.43
N SER C 182 -9.24 -28.94 41.69
CA SER C 182 -10.57 -28.54 42.18
C SER C 182 -11.26 -27.58 41.21
N GLY C 183 -10.49 -26.85 40.39
CA GLY C 183 -11.17 -25.92 39.52
C GLY C 183 -11.12 -24.48 39.98
N LEU C 184 -10.35 -24.20 41.03
CA LEU C 184 -10.28 -22.88 41.63
C LEU C 184 -8.86 -22.35 41.58
N TYR C 185 -8.73 -21.03 41.57
CA TYR C 185 -7.45 -20.35 41.50
C TYR C 185 -6.99 -19.95 42.88
N SER C 186 -5.67 -19.79 43.02
CA SER C 186 -5.11 -19.16 44.20
C SER C 186 -3.86 -18.40 43.78
N LEU C 187 -3.51 -17.38 44.56
CA LEU C 187 -2.62 -16.33 44.08
C LEU C 187 -1.92 -15.72 45.28
N SER C 188 -0.79 -15.06 45.03
CA SER C 188 -0.02 -14.49 46.12
C SER C 188 0.60 -13.16 45.69
N SER C 189 0.76 -12.28 46.67
CA SER C 189 1.29 -10.95 46.44
C SER C 189 2.32 -10.66 47.53
N VAL C 190 3.56 -10.35 47.13
CA VAL C 190 4.64 -10.12 48.08
C VAL C 190 5.03 -8.64 48.03
N VAL C 191 5.37 -8.09 49.19
CA VAL C 191 6.05 -6.80 49.28
C VAL C 191 7.29 -7.01 50.14
N THR C 192 8.43 -6.55 49.63
CA THR C 192 9.68 -6.57 50.42
C THR C 192 9.86 -5.15 50.96
N VAL C 193 9.75 -4.97 52.28
CA VAL C 193 9.85 -3.61 52.88
C VAL C 193 11.05 -3.57 53.83
N PRO C 194 11.61 -2.37 54.09
CA PRO C 194 12.76 -2.21 54.99
C PRO C 194 12.48 -2.88 56.33
N SER C 195 13.46 -3.65 56.80
CA SER C 195 13.39 -4.40 58.09
C SER C 195 12.88 -3.47 59.20
N SER C 196 13.54 -2.33 59.35
CA SER C 196 13.24 -1.33 60.42
C SER C 196 12.00 -0.49 60.09
N SER C 197 10.82 -1.10 60.01
CA SER C 197 9.56 -0.37 59.75
C SER C 197 8.36 -1.27 60.04
N LEU C 198 8.63 -2.52 60.41
CA LEU C 198 7.52 -3.46 60.72
C LEU C 198 6.65 -2.84 61.81
N GLY C 199 7.28 -2.36 62.88
CA GLY C 199 6.52 -1.71 63.96
C GLY C 199 6.37 -0.22 63.73
N THR C 200 6.17 0.22 62.48
CA THR C 200 6.00 1.68 62.29
C THR C 200 4.69 1.95 61.55
N GLN C 201 4.56 1.48 60.31
CA GLN C 201 3.32 1.73 59.53
C GLN C 201 2.41 0.49 59.56
N THR C 202 1.27 0.55 58.85
CA THR C 202 0.37 -0.57 58.87
C THR C 202 0.28 -1.10 57.45
N TYR C 203 0.33 -2.42 57.29
CA TYR C 203 0.56 -3.05 55.99
C TYR C 203 -0.68 -3.86 55.63
N ILE C 204 -1.62 -3.19 54.97
CA ILE C 204 -2.88 -3.79 54.55
C ILE C 204 -2.79 -4.18 53.09
N CYS C 205 -3.05 -5.45 52.79
CA CYS C 205 -3.36 -5.86 51.43
C CYS C 205 -4.87 -5.87 51.28
N ASN C 206 -5.35 -5.21 50.22
CA ASN C 206 -6.77 -5.19 49.86
C ASN C 206 -6.95 -6.04 48.62
N VAL C 207 -7.72 -7.11 48.74
CA VAL C 207 -8.03 -7.98 47.62
C VAL C 207 -9.46 -7.71 47.20
N ASN C 208 -9.67 -7.56 45.90
CA ASN C 208 -11.01 -7.38 45.35
C ASN C 208 -11.24 -8.43 44.28
N HIS C 209 -12.39 -9.10 44.37
CA HIS C 209 -12.82 -10.14 43.44
C HIS C 209 -14.29 -9.80 43.18
N LYS C 210 -14.52 -9.08 42.08
CA LYS C 210 -15.85 -8.56 41.80
C LYS C 210 -16.92 -9.63 41.53
N PRO C 211 -16.63 -10.72 40.80
CA PRO C 211 -17.73 -11.67 40.50
C PRO C 211 -18.41 -12.22 41.73
N SER C 212 -17.63 -12.72 42.71
CA SER C 212 -18.19 -13.04 44.02
C SER C 212 -18.86 -11.84 44.67
N ASN C 213 -18.37 -10.63 44.39
CA ASN C 213 -18.67 -9.41 45.15
C ASN C 213 -17.96 -9.41 46.51
N THR C 214 -16.66 -9.73 46.50
CA THR C 214 -15.89 -9.89 47.73
C THR C 214 -14.72 -8.93 47.73
N LYS C 215 -14.73 -8.00 48.67
CA LYS C 215 -13.60 -7.12 48.94
C LYS C 215 -13.14 -7.38 50.37
N VAL C 216 -11.82 -7.42 50.55
CA VAL C 216 -11.22 -7.69 51.86
C VAL C 216 -10.04 -6.77 52.04
N ASP C 217 -9.92 -6.20 53.23
CA ASP C 217 -8.73 -5.45 53.64
C ASP C 217 -8.16 -6.17 54.84
N LYS C 218 -7.01 -6.83 54.67
CA LYS C 218 -6.40 -7.56 55.76
C LYS C 218 -4.96 -7.10 55.95
N LYS C 219 -4.57 -6.90 57.20
CA LYS C 219 -3.25 -6.39 57.53
C LYS C 219 -2.37 -7.53 58.03
N VAL C 220 -1.09 -7.48 57.65
CA VAL C 220 -0.12 -8.51 58.00
C VAL C 220 0.90 -7.92 58.96
N GLU C 221 1.11 -8.58 60.09
CA GLU C 221 2.05 -8.21 61.13
C GLU C 221 3.00 -9.37 61.39
N PRO C 222 4.16 -9.13 62.01
CA PRO C 222 5.06 -10.25 62.34
C PRO C 222 4.57 -11.00 63.57
N LYS C 223 4.50 -12.32 63.46
CA LYS C 223 4.01 -13.20 64.52
C LYS C 223 5.12 -14.15 64.93
N SER C 224 5.45 -14.17 66.22
CA SER C 224 6.37 -15.16 66.79
C SER C 224 6.42 -15.02 68.31
N SER D 1 -6.50 -29.98 10.26
CA SER D 1 -5.75 -28.81 10.69
C SER D 1 -4.77 -28.33 9.63
N TYR D 2 -5.23 -27.51 8.68
CA TYR D 2 -4.36 -26.90 7.70
C TYR D 2 -4.08 -25.46 8.06
N VAL D 3 -2.80 -25.11 8.14
CA VAL D 3 -2.35 -23.75 8.43
C VAL D 3 -1.12 -23.48 7.58
N LEU D 4 -0.82 -22.19 7.42
CA LEU D 4 0.34 -21.82 6.61
C LEU D 4 1.60 -22.10 7.41
N THR D 5 2.52 -22.86 6.81
CA THR D 5 3.70 -23.34 7.52
C THR D 5 4.58 -22.16 7.91
N GLN D 6 4.79 -21.99 9.21
CA GLN D 6 5.47 -20.83 9.76
C GLN D 6 6.37 -21.29 10.90
N PRO D 7 7.62 -20.80 10.96
CA PRO D 7 8.52 -21.26 12.02
C PRO D 7 7.98 -20.92 13.40
N ALA D 8 8.19 -21.84 14.34
CA ALA D 8 7.64 -21.66 15.68
C ALA D 8 8.36 -20.54 16.42
N SER D 9 9.68 -20.44 16.25
CA SER D 9 10.48 -19.46 16.97
C SER D 9 11.54 -18.91 16.04
N VAL D 10 11.63 -17.59 15.97
CA VAL D 10 12.72 -16.88 15.32
C VAL D 10 13.16 -15.79 16.27
N SER D 11 14.46 -15.48 16.29
CA SER D 11 14.92 -14.32 17.03
C SER D 11 16.34 -13.94 16.65
N GLY D 12 16.83 -12.90 17.32
CA GLY D 12 18.02 -12.17 16.92
C GLY D 12 18.21 -11.00 17.86
N SER D 13 19.42 -10.42 17.82
CA SER D 13 19.77 -9.40 18.80
C SER D 13 19.48 -8.01 18.27
N PRO D 14 19.43 -6.99 19.14
CA PRO D 14 19.00 -5.65 18.71
C PRO D 14 19.90 -5.08 17.63
N GLY D 15 19.32 -4.19 16.82
CA GLY D 15 20.00 -3.59 15.69
C GLY D 15 20.09 -4.47 14.47
N GLN D 16 19.85 -5.77 14.60
CA GLN D 16 19.91 -6.70 13.48
C GLN D 16 18.54 -6.76 12.80
N SER D 17 18.47 -7.50 11.69
CA SER D 17 17.25 -7.67 10.92
C SER D 17 16.93 -9.15 10.82
N ILE D 18 15.71 -9.52 11.21
CA ILE D 18 15.26 -10.89 11.10
C ILE D 18 14.12 -10.97 10.07
N THR D 19 13.89 -12.17 9.55
CA THR D 19 12.76 -12.42 8.67
C THR D 19 12.04 -13.70 9.07
N ILE D 20 10.71 -13.64 9.00
CA ILE D 20 9.82 -14.77 9.30
C ILE D 20 9.24 -15.24 7.98
N SER D 21 9.45 -16.52 7.67
CA SER D 21 8.85 -17.12 6.49
C SER D 21 7.38 -17.43 6.75
N CYS D 22 6.66 -17.75 5.68
CA CYS D 22 5.32 -18.33 5.81
C CYS D 22 4.94 -18.95 4.48
N THR D 23 4.71 -20.26 4.48
CA THR D 23 4.66 -21.06 3.27
C THR D 23 3.27 -21.66 3.11
N GLY D 24 2.60 -21.32 2.02
CA GLY D 24 1.28 -21.81 1.74
C GLY D 24 1.26 -22.78 0.57
N THR D 25 0.09 -22.87 -0.06
CA THR D 25 -0.10 -23.68 -1.24
C THR D 25 -0.42 -22.78 -2.43
N SER D 26 -0.52 -23.41 -3.60
CA SER D 26 -1.11 -22.77 -4.78
C SER D 26 -2.37 -22.00 -4.42
N SER D 27 -3.24 -22.60 -3.61
CA SER D 27 -4.59 -22.08 -3.40
C SER D 27 -4.63 -20.77 -2.60
N ASP D 28 -3.50 -20.27 -2.11
CA ASP D 28 -3.54 -19.01 -1.36
C ASP D 28 -2.34 -18.12 -1.71
N VAL D 29 -1.20 -18.37 -1.07
CA VAL D 29 -0.01 -17.57 -1.32
C VAL D 29 0.46 -17.73 -2.76
N GLY D 30 0.06 -18.80 -3.44
CA GLY D 30 0.47 -19.03 -4.81
C GLY D 30 -0.33 -18.30 -5.85
N VAL D 31 -1.66 -18.19 -5.68
CA VAL D 31 -2.49 -17.54 -6.69
C VAL D 31 -2.64 -16.05 -6.44
N TYR D 32 -2.82 -15.64 -5.19
CA TYR D 32 -3.19 -14.28 -4.87
C TYR D 32 -2.04 -13.55 -4.17
N ASN D 33 -2.26 -12.26 -3.95
CA ASN D 33 -1.35 -11.42 -3.17
C ASN D 33 -2.08 -10.82 -1.98
N TYR D 34 -3.11 -11.51 -1.51
CA TYR D 34 -3.87 -11.08 -0.33
C TYR D 34 -3.27 -11.62 0.96
N VAL D 35 -1.95 -11.66 1.03
CA VAL D 35 -1.22 -12.06 2.23
C VAL D 35 -1.08 -10.83 3.12
N SER D 36 -1.33 -11.03 4.42
CA SER D 36 -1.15 -9.98 5.41
C SER D 36 -0.49 -10.58 6.64
N TRP D 37 0.02 -9.70 7.49
CA TRP D 37 0.84 -10.05 8.64
C TRP D 37 0.36 -9.24 9.83
N TYR D 38 0.03 -9.96 10.92
CA TYR D 38 -0.45 -9.38 12.16
C TYR D 38 0.56 -9.62 13.26
N GLN D 39 0.68 -8.65 14.15
CA GLN D 39 1.51 -8.73 15.34
C GLN D 39 0.60 -8.73 16.56
N GLN D 40 0.87 -9.64 17.51
CA GLN D 40 0.09 -9.76 18.72
C GLN D 40 1.01 -9.68 19.93
N HIS D 41 0.76 -8.70 20.78
CA HIS D 41 1.39 -8.65 22.09
C HIS D 41 0.51 -9.35 23.12
N PRO D 42 1.12 -10.03 24.10
CA PRO D 42 0.34 -10.86 25.03
C PRO D 42 -0.81 -10.13 25.69
N GLY D 43 -2.03 -10.61 25.45
CA GLY D 43 -3.21 -10.07 26.08
C GLY D 43 -3.99 -9.06 25.27
N LYS D 44 -3.53 -8.68 24.09
CA LYS D 44 -4.22 -7.70 23.27
C LYS D 44 -4.62 -8.30 21.93
N ALA D 45 -5.42 -7.55 21.18
CA ALA D 45 -5.88 -7.99 19.87
C ALA D 45 -4.76 -7.92 18.84
N PRO D 46 -4.81 -8.75 17.81
CA PRO D 46 -3.76 -8.67 16.77
C PRO D 46 -3.84 -7.36 16.02
N LYS D 47 -2.67 -6.85 15.64
CA LYS D 47 -2.54 -5.57 14.96
C LYS D 47 -1.99 -5.79 13.56
N LEU D 48 -2.67 -5.24 12.56
CA LEU D 48 -2.26 -5.38 11.17
C LEU D 48 -0.93 -4.66 10.92
N MET D 49 0.08 -5.42 10.53
CA MET D 49 1.42 -4.88 10.24
C MET D 49 1.69 -4.74 8.75
N ILE D 50 1.28 -5.74 7.97
CA ILE D 50 1.49 -5.71 6.53
C ILE D 50 0.21 -6.22 5.87
N TYR D 51 -0.18 -5.63 4.74
CA TYR D 51 -1.27 -6.16 3.96
C TYR D 51 -0.90 -6.14 2.48
N ASP D 52 -1.61 -6.94 1.71
CA ASP D 52 -1.36 -7.07 0.27
C ASP D 52 0.11 -7.35 0.00
N VAL D 53 0.65 -8.29 0.77
CA VAL D 53 2.02 -8.80 0.66
C VAL D 53 3.04 -7.80 1.20
N SER D 54 2.99 -6.54 0.74
CA SER D 54 4.06 -5.60 1.00
C SER D 54 3.63 -4.27 1.60
N ASN D 55 2.34 -3.96 1.66
CA ASN D 55 1.90 -2.61 2.02
C ASN D 55 1.73 -2.49 3.53
N ARG D 56 2.34 -1.46 4.12
CA ARG D 56 2.12 -1.30 5.54
C ARG D 56 1.12 -0.19 5.82
N PRO D 57 0.20 -0.39 6.76
CA PRO D 57 -0.75 0.68 7.12
C PRO D 57 -0.05 1.89 7.73
N SER D 58 -0.82 2.96 7.89
CA SER D 58 -0.29 4.18 8.47
C SER D 58 -0.02 3.96 9.96
N GLY D 59 1.15 4.40 10.41
CA GLY D 59 1.58 4.19 11.77
C GLY D 59 2.56 3.05 11.93
N VAL D 60 2.53 2.07 11.01
CA VAL D 60 3.49 0.98 11.04
C VAL D 60 4.86 1.50 10.62
N SER D 61 5.89 1.12 11.38
CA SER D 61 7.23 1.63 11.15
C SER D 61 7.79 1.11 9.83
N ASN D 62 8.69 1.90 9.23
CA ASN D 62 9.34 1.51 7.98
C ASN D 62 10.18 0.26 8.13
N ARG D 63 10.44 -0.18 9.38
CA ARG D 63 11.23 -1.37 9.63
C ARG D 63 10.50 -2.66 9.26
N PHE D 64 9.20 -2.60 9.00
CA PHE D 64 8.42 -3.79 8.66
C PHE D 64 8.23 -3.84 7.13
N SER D 65 8.84 -4.84 6.51
CA SER D 65 8.81 -5.03 5.06
C SER D 65 8.11 -6.33 4.74
N GLY D 66 7.36 -6.37 3.65
CA GLY D 66 6.73 -7.59 3.17
C GLY D 66 7.28 -8.02 1.83
N SER D 67 7.21 -9.33 1.57
CA SER D 67 7.65 -9.86 0.29
C SER D 67 6.94 -11.19 0.05
N LYS D 68 6.92 -11.60 -1.22
CA LYS D 68 6.35 -12.90 -1.58
C LYS D 68 7.15 -13.50 -2.73
N SER D 69 7.31 -14.82 -2.70
CA SER D 69 8.06 -15.51 -3.74
C SER D 69 7.55 -16.94 -3.81
N GLY D 70 7.07 -17.34 -4.98
CA GLY D 70 6.46 -18.66 -5.13
C GLY D 70 5.28 -18.80 -4.19
N ASN D 71 5.34 -19.81 -3.34
CA ASN D 71 4.30 -20.08 -2.34
C ASN D 71 4.66 -19.55 -0.97
N THR D 72 5.70 -18.73 -0.87
CA THR D 72 6.26 -18.34 0.43
C THR D 72 6.24 -16.81 0.55
N ALA D 73 5.36 -16.30 1.40
CA ALA D 73 5.47 -14.92 1.83
C ALA D 73 6.52 -14.80 2.92
N SER D 74 6.97 -13.58 3.18
CA SER D 74 7.92 -13.39 4.26
C SER D 74 7.88 -11.96 4.76
N LEU D 75 8.06 -11.82 6.08
CA LEU D 75 8.01 -10.54 6.77
C LEU D 75 9.37 -10.24 7.36
N THR D 76 9.90 -9.06 7.11
CA THR D 76 11.23 -8.70 7.57
C THR D 76 11.14 -7.52 8.52
N ILE D 77 11.82 -7.65 9.66
CA ILE D 77 11.92 -6.54 10.65
C ILE D 77 13.39 -6.17 10.71
N SER D 78 13.71 -4.89 10.49
CA SER D 78 15.11 -4.44 10.51
C SER D 78 15.35 -3.64 11.77
N GLY D 79 16.60 -3.54 12.20
CA GLY D 79 16.92 -2.78 13.44
C GLY D 79 16.04 -3.26 14.57
N LEU D 80 16.16 -4.55 14.91
CA LEU D 80 15.34 -5.15 15.99
C LEU D 80 15.41 -4.30 17.27
N GLN D 81 14.26 -4.05 17.87
CA GLN D 81 14.14 -3.29 19.10
C GLN D 81 13.53 -4.16 20.20
N ALA D 82 13.33 -3.56 21.36
CA ALA D 82 12.89 -4.32 22.52
C ALA D 82 11.48 -4.87 22.33
N GLU D 83 10.53 -4.00 21.97
CA GLU D 83 9.13 -4.36 21.96
C GLU D 83 8.70 -5.06 20.67
N ASP D 84 9.62 -5.25 19.71
CA ASP D 84 9.30 -6.13 18.60
C ASP D 84 9.07 -7.56 19.06
N GLU D 85 9.41 -7.85 20.32
CA GLU D 85 9.14 -9.11 20.99
C GLU D 85 7.65 -9.37 21.04
N ALA D 86 7.16 -10.34 20.27
CA ALA D 86 5.73 -10.63 20.20
C ALA D 86 5.44 -11.85 19.32
N ASP D 87 4.16 -12.17 19.16
CA ASP D 87 3.76 -13.22 18.22
C ASP D 87 3.47 -12.59 16.87
N TYR D 88 3.81 -13.29 15.80
CA TYR D 88 3.58 -12.80 14.45
C TYR D 88 2.89 -13.89 13.64
N TYR D 89 1.75 -13.55 13.06
CA TYR D 89 0.95 -14.49 12.28
C TYR D 89 0.83 -13.98 10.85
N CYS D 90 1.08 -14.86 9.89
CA CYS D 90 0.71 -14.56 8.51
C CYS D 90 -0.73 -15.04 8.27
N SER D 91 -1.34 -14.46 7.25
CA SER D 91 -2.71 -14.79 6.90
C SER D 91 -2.89 -14.58 5.41
N SER D 92 -3.83 -15.30 4.82
CA SER D 92 -4.06 -15.14 3.40
C SER D 92 -5.47 -15.61 3.03
N TYR D 93 -5.96 -15.06 1.93
CA TYR D 93 -7.21 -15.50 1.32
C TYR D 93 -6.90 -16.61 0.34
N THR D 94 -7.88 -17.47 0.10
CA THR D 94 -7.73 -18.59 -0.81
C THR D 94 -8.68 -18.49 -2.00
N SER D 95 -8.43 -19.36 -2.98
CA SER D 95 -9.23 -19.41 -4.19
C SER D 95 -10.67 -19.84 -3.91
N SER D 96 -10.96 -20.31 -2.69
CA SER D 96 -12.32 -20.64 -2.30
C SER D 96 -12.94 -19.57 -1.39
N SER D 97 -12.47 -18.33 -1.51
CA SER D 97 -12.91 -17.21 -0.69
C SER D 97 -12.98 -17.60 0.78
N THR D 98 -11.91 -18.24 1.25
CA THR D 98 -11.71 -18.55 2.67
C THR D 98 -10.49 -17.80 3.17
N LEU D 99 -10.39 -17.71 4.50
CA LEU D 99 -9.26 -17.10 5.15
C LEU D 99 -8.50 -18.16 5.95
N VAL D 100 -7.17 -18.12 5.86
CA VAL D 100 -6.31 -19.03 6.63
C VAL D 100 -5.20 -18.25 7.31
N PHE D 101 -4.69 -18.80 8.40
CA PHE D 101 -3.62 -18.21 9.19
C PHE D 101 -2.41 -19.14 9.24
N GLY D 102 -1.31 -18.62 9.78
CA GLY D 102 -0.15 -19.42 10.05
C GLY D 102 -0.08 -19.81 11.52
N GLY D 103 0.78 -20.79 11.80
CA GLY D 103 0.91 -21.30 13.16
C GLY D 103 1.34 -20.25 14.16
N GLY D 104 1.94 -19.16 13.72
CA GLY D 104 2.47 -18.18 14.63
C GLY D 104 3.96 -18.33 14.82
N THR D 105 4.62 -17.20 15.07
CA THR D 105 6.06 -17.16 15.32
C THR D 105 6.29 -16.26 16.52
N LYS D 106 6.83 -16.82 17.59
CA LYS D 106 7.23 -16.03 18.75
C LYS D 106 8.61 -15.45 18.48
N LEU D 107 8.71 -14.13 18.53
CA LEU D 107 9.97 -13.42 18.34
C LEU D 107 10.37 -12.78 19.66
N THR D 108 11.50 -13.24 20.21
CA THR D 108 12.16 -12.64 21.36
C THR D 108 13.38 -11.87 20.88
N VAL D 109 13.89 -10.99 21.73
CA VAL D 109 15.09 -10.23 21.38
C VAL D 109 16.17 -10.52 22.40
N LEU D 110 17.37 -10.81 21.92
CA LEU D 110 18.45 -11.25 22.78
C LEU D 110 19.03 -10.05 23.53
N GLY D 111 20.04 -10.30 24.36
CA GLY D 111 20.74 -9.24 25.03
C GLY D 111 20.29 -8.94 26.44
N GLN D 112 19.66 -9.87 27.12
CA GLN D 112 19.29 -9.50 28.47
C GLN D 112 20.29 -10.07 29.48
N PRO D 113 20.54 -9.35 30.58
CA PRO D 113 21.77 -9.60 31.36
C PRO D 113 21.84 -10.95 32.06
N LYS D 114 20.82 -11.80 31.97
CA LYS D 114 20.72 -13.05 32.71
C LYS D 114 20.61 -12.76 34.21
N ALA D 115 19.48 -13.13 34.82
CA ALA D 115 19.25 -12.91 36.23
C ALA D 115 19.07 -14.24 36.95
N ALA D 116 19.64 -14.35 38.14
CA ALA D 116 19.41 -15.52 38.96
C ALA D 116 18.11 -15.36 39.74
N PRO D 117 17.36 -16.43 39.96
CA PRO D 117 16.04 -16.29 40.58
C PRO D 117 16.15 -15.89 42.05
N SER D 118 15.18 -15.09 42.49
CA SER D 118 15.07 -14.68 43.88
C SER D 118 13.89 -15.41 44.51
N VAL D 119 14.16 -16.25 45.51
CA VAL D 119 13.18 -17.14 46.10
C VAL D 119 12.75 -16.61 47.46
N THR D 120 11.44 -16.65 47.73
CA THR D 120 10.94 -16.48 49.09
C THR D 120 9.96 -17.61 49.39
N LEU D 121 10.16 -18.27 50.53
CA LEU D 121 9.35 -19.41 50.93
C LEU D 121 8.59 -19.04 52.18
N PHE D 122 7.26 -19.20 52.14
CA PHE D 122 6.45 -18.83 53.27
C PHE D 122 5.67 -20.04 53.80
N PRO D 123 5.65 -20.21 55.12
CA PRO D 123 4.96 -21.33 55.74
C PRO D 123 3.49 -20.98 56.01
N PRO D 124 2.66 -21.95 56.42
CA PRO D 124 1.24 -21.65 56.61
C PRO D 124 1.05 -20.56 57.66
N SER D 125 -0.08 -19.87 57.55
CA SER D 125 -0.33 -18.73 58.41
C SER D 125 -1.16 -19.15 59.61
N SER D 126 -1.38 -18.20 60.52
CA SER D 126 -2.14 -18.51 61.73
C SER D 126 -3.56 -18.90 61.37
N GLU D 127 -4.27 -18.03 60.65
CA GLU D 127 -5.67 -18.29 60.32
C GLU D 127 -5.82 -19.53 59.43
N GLU D 128 -4.79 -19.84 58.64
CA GLU D 128 -4.86 -20.98 57.74
C GLU D 128 -4.67 -22.30 58.48
N LEU D 129 -3.65 -22.38 59.33
CA LEU D 129 -3.48 -23.56 60.18
C LEU D 129 -4.69 -23.73 61.08
N GLN D 130 -5.26 -22.61 61.48
CA GLN D 130 -6.37 -22.48 62.40
C GLN D 130 -7.69 -22.89 61.74
N ALA D 131 -7.69 -22.96 60.40
CA ALA D 131 -8.80 -23.38 59.56
C ALA D 131 -8.66 -24.81 59.03
N ASN D 132 -7.79 -25.63 59.63
CA ASN D 132 -7.63 -27.07 59.33
C ASN D 132 -6.90 -27.36 58.02
N LYS D 133 -6.21 -26.39 57.42
CA LYS D 133 -5.47 -26.63 56.18
C LYS D 133 -4.09 -26.01 56.28
N ALA D 134 -3.22 -26.33 55.31
CA ALA D 134 -1.88 -25.77 55.29
C ALA D 134 -1.36 -25.74 53.85
N THR D 135 -0.75 -24.62 53.47
CA THR D 135 -0.09 -24.50 52.17
C THR D 135 1.23 -23.77 52.34
N LEU D 136 2.30 -24.36 51.84
CA LEU D 136 3.59 -23.70 51.74
C LEU D 136 3.70 -23.05 50.37
N VAL D 137 4.19 -21.80 50.35
CA VAL D 137 4.17 -20.98 49.15
C VAL D 137 5.59 -20.58 48.77
N CYS D 138 6.05 -21.02 47.61
CA CYS D 138 7.37 -20.70 47.07
C CYS D 138 7.18 -19.70 45.94
N LEU D 139 7.68 -18.49 46.12
CA LEU D 139 7.53 -17.41 45.15
C LEU D 139 8.90 -17.09 44.55
N ILE D 140 9.04 -17.37 43.24
CA ILE D 140 10.27 -17.16 42.50
C ILE D 140 10.09 -15.94 41.62
N SER D 141 11.04 -14.99 41.69
CA SER D 141 10.86 -13.73 40.99
C SER D 141 12.17 -13.30 40.36
N ASP D 142 12.03 -12.47 39.31
CA ASP D 142 13.14 -11.69 38.75
C ASP D 142 14.27 -12.59 38.23
N PHE D 143 13.91 -13.48 37.31
CA PHE D 143 14.87 -14.36 36.68
C PHE D 143 14.73 -14.33 35.16
N TYR D 144 15.81 -14.68 34.47
CA TYR D 144 15.91 -14.71 33.02
C TYR D 144 17.00 -15.68 32.61
N PRO D 145 16.75 -16.58 31.65
CA PRO D 145 15.50 -16.75 30.90
C PRO D 145 14.36 -17.31 31.74
N GLY D 146 13.14 -17.24 31.23
CA GLY D 146 11.97 -17.66 31.97
C GLY D 146 11.69 -19.14 31.90
N ALA D 147 12.61 -19.95 32.42
CA ALA D 147 12.42 -21.40 32.45
C ALA D 147 13.14 -21.94 33.67
N VAL D 148 12.37 -22.40 34.67
CA VAL D 148 12.93 -23.03 35.86
C VAL D 148 12.06 -24.24 36.21
N THR D 149 12.69 -25.23 36.82
CA THR D 149 11.94 -26.31 37.46
C THR D 149 12.04 -26.13 38.96
N VAL D 150 11.02 -26.60 39.69
CA VAL D 150 11.06 -26.51 41.15
C VAL D 150 10.58 -27.84 41.72
N ALA D 151 11.13 -28.20 42.87
CA ALA D 151 10.82 -29.48 43.50
C ALA D 151 10.74 -29.31 45.01
N TRP D 152 9.80 -29.98 45.63
CA TRP D 152 9.59 -29.89 47.06
C TRP D 152 10.16 -31.12 47.74
N LYS D 153 10.76 -30.89 48.91
CA LYS D 153 11.40 -31.96 49.67
C LYS D 153 10.92 -31.91 51.12
N ALA D 154 10.35 -33.02 51.57
CA ALA D 154 10.08 -33.25 52.99
C ALA D 154 11.29 -33.94 53.61
N ASP D 155 11.73 -33.42 54.76
CA ASP D 155 13.07 -33.73 55.28
C ASP D 155 14.06 -33.40 54.17
N SER D 156 14.81 -34.38 53.68
CA SER D 156 15.53 -34.17 52.43
C SER D 156 15.20 -35.24 51.38
N SER D 157 13.92 -35.41 51.03
CA SER D 157 13.56 -36.32 49.94
C SER D 157 12.25 -35.85 49.31
N PRO D 158 12.00 -36.22 48.05
CA PRO D 158 10.97 -35.52 47.25
C PRO D 158 9.52 -35.78 47.66
N VAL D 159 8.70 -34.83 47.24
CA VAL D 159 7.22 -34.81 47.43
C VAL D 159 6.61 -34.57 46.06
N LYS D 160 5.44 -35.14 45.77
CA LYS D 160 4.83 -34.86 44.46
C LYS D 160 3.30 -34.78 44.62
N ALA D 161 2.81 -35.18 45.79
CA ALA D 161 1.36 -35.13 46.04
C ALA D 161 0.98 -33.75 46.57
N GLY D 162 0.00 -33.12 45.92
CA GLY D 162 -0.51 -31.82 46.32
C GLY D 162 0.34 -30.64 45.89
N VAL D 163 1.15 -30.78 44.85
CA VAL D 163 2.02 -29.72 44.36
C VAL D 163 1.42 -29.08 43.12
N GLU D 164 1.47 -27.74 43.07
CA GLU D 164 1.02 -27.00 41.90
C GLU D 164 2.01 -25.88 41.60
N THR D 165 2.47 -25.82 40.34
CA THR D 165 3.45 -24.81 39.93
C THR D 165 2.89 -24.01 38.77
N THR D 166 3.24 -22.72 38.72
CA THR D 166 2.82 -21.88 37.62
C THR D 166 3.75 -22.03 36.41
N THR D 167 3.21 -21.72 35.24
CA THR D 167 4.06 -21.49 34.09
C THR D 167 4.72 -20.11 34.22
N PRO D 168 5.94 -19.96 33.71
CA PRO D 168 6.64 -18.67 33.84
C PRO D 168 5.86 -17.52 33.22
N SER D 169 5.74 -16.42 33.97
CA SER D 169 5.06 -15.22 33.54
C SER D 169 6.05 -14.07 33.46
N LYS D 170 5.88 -13.21 32.46
CA LYS D 170 6.75 -12.04 32.30
C LYS D 170 6.22 -10.86 33.10
N GLN D 171 7.08 -10.29 33.95
CA GLN D 171 6.74 -9.14 34.77
C GLN D 171 7.08 -7.86 33.99
N SER D 172 6.80 -6.70 34.60
CA SER D 172 6.94 -5.41 33.95
C SER D 172 8.38 -4.91 33.89
N ASN D 173 9.37 -5.76 34.19
CA ASN D 173 10.76 -5.43 33.96
C ASN D 173 11.40 -6.38 32.94
N ASN D 174 10.60 -6.96 32.06
CA ASN D 174 10.98 -8.11 31.23
C ASN D 174 11.92 -9.05 31.96
N LYS D 175 11.49 -9.50 33.13
CA LYS D 175 12.03 -10.69 33.77
C LYS D 175 10.85 -11.56 34.17
N TYR D 176 11.13 -12.76 34.64
CA TYR D 176 10.07 -13.73 34.78
C TYR D 176 9.80 -14.08 36.24
N ALA D 177 8.62 -14.65 36.46
CA ALA D 177 8.14 -14.98 37.79
C ALA D 177 7.40 -16.31 37.73
N ALA D 178 7.37 -16.99 38.88
CA ALA D 178 6.67 -18.26 38.99
C ALA D 178 6.29 -18.47 40.45
N SER D 179 5.29 -19.32 40.65
CA SER D 179 4.82 -19.66 41.99
C SER D 179 4.70 -21.16 42.10
N SER D 180 4.82 -21.66 43.33
CA SER D 180 4.52 -23.05 43.63
C SER D 180 3.83 -23.12 44.99
N TYR D 181 2.89 -24.05 45.09
CA TYR D 181 2.07 -24.21 46.29
C TYR D 181 2.01 -25.69 46.60
N LEU D 182 2.42 -26.05 47.82
CA LEU D 182 2.29 -27.43 48.30
C LEU D 182 1.27 -27.44 49.41
N SER D 183 0.23 -28.26 49.25
CA SER D 183 -0.87 -28.33 50.20
C SER D 183 -0.73 -29.57 51.07
N LEU D 184 -0.93 -29.38 52.37
CA LEU D 184 -0.70 -30.38 53.39
C LEU D 184 -1.74 -30.17 54.49
N THR D 185 -2.17 -31.28 55.08
CA THR D 185 -2.87 -31.21 56.35
C THR D 185 -1.96 -30.59 57.41
N PRO D 186 -2.53 -29.84 58.36
CA PRO D 186 -1.72 -29.36 59.49
C PRO D 186 -1.01 -30.51 60.19
N GLU D 187 -1.62 -31.69 60.17
CA GLU D 187 -1.00 -32.87 60.77
C GLU D 187 0.28 -33.25 60.02
N GLN D 188 0.26 -33.23 58.69
CA GLN D 188 1.49 -33.43 57.94
C GLN D 188 2.45 -32.26 58.08
N TRP D 189 1.93 -31.04 58.23
CA TRP D 189 2.81 -29.88 58.39
C TRP D 189 3.61 -30.00 59.68
N LYS D 190 3.00 -30.54 60.74
CA LYS D 190 3.68 -30.71 62.01
C LYS D 190 4.44 -32.03 62.13
N SER D 191 4.18 -33.01 61.24
CA SER D 191 4.87 -34.28 61.35
C SER D 191 6.35 -34.15 61.04
N HIS D 192 6.64 -33.78 59.79
CA HIS D 192 8.02 -33.73 59.24
C HIS D 192 8.92 -32.69 59.91
N ARG D 193 10.22 -32.90 59.73
CA ARG D 193 11.28 -32.03 60.30
C ARG D 193 11.16 -30.63 59.69
N SER D 194 11.34 -30.54 58.36
CA SER D 194 11.26 -29.23 57.66
C SER D 194 10.86 -29.47 56.20
N TYR D 195 10.15 -28.50 55.62
CA TYR D 195 9.71 -28.57 54.22
C TYR D 195 10.51 -27.59 53.38
N SER D 196 10.78 -27.96 52.12
CA SER D 196 11.68 -27.14 51.34
C SER D 196 11.30 -27.13 49.87
N CYS D 197 11.94 -26.19 49.16
CA CYS D 197 11.59 -25.75 47.80
C CYS D 197 12.92 -25.46 47.11
N GLN D 198 13.24 -26.28 46.12
CA GLN D 198 14.49 -26.16 45.38
C GLN D 198 14.15 -25.71 43.98
N VAL D 199 14.68 -24.55 43.60
CA VAL D 199 14.50 -24.01 42.25
C VAL D 199 15.76 -24.35 41.46
N THR D 200 15.61 -25.12 40.39
CA THR D 200 16.72 -25.45 39.52
C THR D 200 16.59 -24.58 38.27
N HIS D 201 17.63 -23.79 38.02
CA HIS D 201 17.72 -22.85 36.91
C HIS D 201 19.18 -22.80 36.48
N GLU D 202 19.40 -22.58 35.18
CA GLU D 202 20.76 -22.49 34.62
C GLU D 202 21.42 -23.87 34.67
N GLY D 203 20.78 -24.82 35.34
CA GLY D 203 21.40 -26.03 35.78
C GLY D 203 21.76 -26.10 37.24
N SER D 204 22.30 -25.04 37.79
CA SER D 204 22.52 -24.98 39.23
C SER D 204 21.20 -24.70 39.97
N THR D 205 21.22 -24.83 41.30
CA THR D 205 20.01 -24.80 42.13
C THR D 205 20.10 -23.75 43.23
N VAL D 206 18.92 -23.38 43.77
CA VAL D 206 18.79 -22.45 44.89
C VAL D 206 17.78 -23.04 45.88
N GLU D 207 18.06 -22.93 47.19
CA GLU D 207 17.31 -23.62 48.23
C GLU D 207 16.61 -22.65 49.19
N LYS D 208 15.34 -22.96 49.53
CA LYS D 208 14.70 -22.33 50.68
C LYS D 208 13.94 -23.38 51.49
N THR D 209 13.83 -23.16 52.81
CA THR D 209 13.25 -24.14 53.73
C THR D 209 12.53 -23.42 54.88
N VAL D 210 11.52 -24.11 55.46
CA VAL D 210 10.77 -23.58 56.60
C VAL D 210 10.38 -24.76 57.48
N ALA D 211 10.35 -24.50 58.79
CA ALA D 211 10.08 -25.49 59.82
C ALA D 211 9.03 -24.93 60.77
N PRO D 212 8.22 -25.81 61.39
CA PRO D 212 7.14 -25.33 62.27
C PRO D 212 7.65 -24.52 63.44
N THR D 213 7.22 -23.26 63.50
CA THR D 213 7.64 -22.25 64.49
C THR D 213 9.05 -22.46 65.05
N ASN E 18 62.96 -17.79 1.10
CA ASN E 18 61.97 -18.30 0.16
C ASN E 18 60.62 -18.52 0.85
N LEU E 19 59.94 -17.47 1.30
CA LEU E 19 58.68 -17.67 1.99
C LEU E 19 57.50 -17.04 1.27
N CYS E 20 56.32 -17.61 1.53
CA CYS E 20 55.18 -17.54 0.63
C CYS E 20 54.60 -16.13 0.55
N PRO E 21 54.05 -15.75 -0.61
CA PRO E 21 53.61 -14.36 -0.80
C PRO E 21 52.36 -13.99 -0.01
N PHE E 22 52.47 -13.91 1.33
CA PHE E 22 51.38 -13.39 2.14
C PHE E 22 51.10 -11.91 1.84
N GLY E 23 52.15 -11.18 1.41
CA GLY E 23 52.05 -9.74 1.23
C GLY E 23 51.02 -9.32 0.18
N GLU E 24 50.96 -10.04 -0.93
CA GLU E 24 49.93 -9.88 -1.98
C GLU E 24 48.99 -11.04 -2.11
N VAL E 25 48.62 -11.59 -0.97
CA VAL E 25 47.30 -12.16 -0.79
C VAL E 25 46.50 -11.33 0.20
N PHE E 26 47.18 -10.77 1.21
CA PHE E 26 46.49 -9.95 2.20
C PHE E 26 46.31 -8.52 1.72
N ASN E 27 47.30 -7.97 1.00
CA ASN E 27 47.25 -6.61 0.52
C ASN E 27 46.89 -6.52 -0.95
N ALA E 28 46.37 -7.60 -1.54
CA ALA E 28 45.99 -7.58 -2.95
C ALA E 28 45.01 -6.44 -3.23
N THR E 29 45.16 -5.81 -4.40
CA THR E 29 44.41 -4.59 -4.67
C THR E 29 42.94 -4.90 -4.96
N ARG E 30 42.67 -5.89 -5.82
CA ARG E 30 41.33 -6.37 -6.07
C ARG E 30 41.08 -7.62 -5.22
N PHE E 31 39.91 -7.66 -4.58
CA PHE E 31 39.46 -8.86 -3.91
C PHE E 31 38.27 -9.43 -4.68
N ALA E 32 38.03 -10.73 -4.50
CA ALA E 32 36.96 -11.40 -5.23
C ALA E 32 35.63 -11.23 -4.53
N SER E 33 34.56 -11.45 -5.29
CA SER E 33 33.23 -11.53 -4.69
C SER E 33 33.07 -12.88 -4.02
N VAL E 34 32.22 -12.93 -2.99
CA VAL E 34 32.17 -14.12 -2.16
C VAL E 34 31.58 -15.31 -2.90
N TYR E 35 30.79 -15.08 -3.95
CA TYR E 35 30.27 -16.20 -4.72
C TYR E 35 31.34 -16.79 -5.62
N ALA E 36 32.34 -15.99 -6.01
CA ALA E 36 33.45 -16.45 -6.83
C ALA E 36 34.75 -16.30 -6.06
N TRP E 37 34.77 -16.77 -4.81
CA TRP E 37 35.90 -16.55 -3.92
C TRP E 37 37.17 -17.14 -4.49
N ASN E 38 38.29 -16.44 -4.29
CA ASN E 38 39.54 -16.87 -4.88
C ASN E 38 40.31 -17.78 -3.92
N ARG E 39 41.15 -18.63 -4.48
CA ARG E 39 41.95 -19.57 -3.69
C ARG E 39 43.38 -19.55 -4.20
N LYS E 40 44.33 -19.38 -3.28
CA LYS E 40 45.75 -19.42 -3.60
C LYS E 40 46.40 -20.53 -2.78
N ARG E 41 47.05 -21.46 -3.47
CA ARG E 41 47.65 -22.63 -2.84
C ARG E 41 49.15 -22.38 -2.72
N ILE E 42 49.61 -22.09 -1.51
CA ILE E 42 51.02 -21.82 -1.25
C ILE E 42 51.71 -23.09 -0.76
N SER E 43 52.89 -23.34 -1.32
CA SER E 43 53.63 -24.57 -1.07
C SER E 43 55.12 -24.28 -1.14
N ASN E 44 55.90 -25.20 -0.57
CA ASN E 44 57.37 -25.20 -0.69
C ASN E 44 57.97 -23.84 -0.32
N CYS E 45 57.70 -23.41 0.91
CA CYS E 45 58.30 -22.17 1.39
C CYS E 45 58.44 -22.25 2.91
N VAL E 46 59.13 -21.29 3.48
CA VAL E 46 59.05 -20.99 4.91
C VAL E 46 57.85 -20.05 5.16
N ALA E 47 57.25 -20.11 6.34
CA ALA E 47 56.17 -19.19 6.72
C ALA E 47 56.30 -18.67 8.15
N ASP E 48 56.07 -17.38 8.36
CA ASP E 48 55.96 -16.81 9.71
C ASP E 48 54.55 -16.28 9.93
N TYR E 49 53.74 -16.99 10.73
CA TYR E 49 52.34 -16.62 10.92
C TYR E 49 52.07 -15.64 12.06
N SER E 50 52.93 -15.58 13.08
CA SER E 50 52.55 -14.85 14.28
C SER E 50 52.95 -13.38 14.29
N VAL E 51 53.55 -12.93 13.20
CA VAL E 51 53.65 -11.45 13.04
C VAL E 51 52.27 -10.97 12.55
N LEU E 52 51.39 -11.93 12.17
CA LEU E 52 50.02 -11.73 11.66
C LEU E 52 49.04 -12.00 12.79
N TYR E 53 49.31 -13.00 13.63
CA TYR E 53 48.35 -13.30 14.73
C TYR E 53 48.16 -12.06 15.58
N ASN E 54 49.23 -11.36 15.96
CA ASN E 54 49.07 -10.07 16.68
C ASN E 54 48.66 -9.07 15.60
N SER E 55 47.34 -8.95 15.41
CA SER E 55 46.63 -8.22 14.34
C SER E 55 47.06 -6.77 14.15
N ALA E 56 46.41 -5.89 14.93
CA ALA E 56 46.48 -4.42 14.89
C ALA E 56 45.75 -3.98 13.62
N SER E 57 45.86 -4.80 12.56
CA SER E 57 45.18 -4.53 11.30
C SER E 57 43.91 -5.34 11.14
N PHE E 58 43.80 -6.47 11.84
CA PHE E 58 42.71 -7.42 11.62
C PHE E 58 41.68 -7.33 12.74
N SER E 59 40.43 -7.09 12.36
CA SER E 59 39.35 -7.05 13.34
C SER E 59 38.90 -8.45 13.73
N THR E 60 39.21 -9.45 12.91
CA THR E 60 38.96 -10.84 13.26
C THR E 60 40.17 -11.68 12.87
N PHE E 61 40.63 -12.50 13.82
CA PHE E 61 41.63 -13.53 13.56
C PHE E 61 41.27 -14.68 14.50
N LYS E 62 40.61 -15.71 13.96
CA LYS E 62 40.04 -16.78 14.77
C LYS E 62 40.43 -18.12 14.17
N CYS E 63 40.65 -19.14 15.02
CA CYS E 63 41.27 -20.38 14.54
C CYS E 63 40.57 -21.59 15.16
N TYR E 64 40.66 -22.72 14.46
CA TYR E 64 39.73 -23.83 14.63
C TYR E 64 40.48 -25.15 14.45
N GLY E 65 40.45 -25.98 15.49
CA GLY E 65 41.20 -27.21 15.54
C GLY E 65 42.65 -27.01 15.91
N VAL E 66 43.28 -26.03 15.26
CA VAL E 66 44.62 -25.59 15.60
C VAL E 66 44.46 -24.28 16.37
N SER E 67 45.51 -23.83 17.06
CA SER E 67 45.38 -22.57 17.77
C SER E 67 46.56 -21.67 17.45
N PRO E 68 46.33 -20.35 17.39
CA PRO E 68 47.37 -19.41 16.93
C PRO E 68 48.73 -19.54 17.60
N THR E 69 48.76 -19.72 18.92
CA THR E 69 49.96 -20.09 19.66
C THR E 69 50.70 -21.25 19.01
N LYS E 70 52.01 -21.31 19.18
CA LYS E 70 52.78 -22.53 19.03
C LYS E 70 52.78 -23.04 17.59
N LEU E 71 52.24 -22.28 16.63
CA LEU E 71 52.06 -22.78 15.27
C LEU E 71 53.21 -22.37 14.34
N ASN E 72 54.18 -21.57 14.80
CA ASN E 72 55.41 -21.42 14.05
C ASN E 72 56.36 -22.60 14.28
N ASP E 73 55.84 -23.63 14.94
CA ASP E 73 56.53 -24.86 15.32
C ASP E 73 55.77 -26.07 14.82
N LEU E 74 54.68 -25.87 14.11
CA LEU E 74 53.87 -26.95 13.58
C LEU E 74 53.83 -26.82 12.07
N CYS E 75 53.54 -27.94 11.41
CA CYS E 75 53.69 -27.98 9.96
C CYS E 75 52.61 -28.83 9.30
N PHE E 76 52.62 -28.72 7.97
CA PHE E 76 51.56 -29.22 7.12
C PHE E 76 52.20 -29.57 5.79
N THR E 77 51.38 -29.91 4.78
CA THR E 77 52.04 -30.20 3.47
C THR E 77 51.78 -29.09 2.45
N ASN E 78 50.76 -28.25 2.68
CA ASN E 78 50.41 -27.14 1.76
C ASN E 78 49.48 -26.14 2.45
N VAL E 79 49.38 -24.93 1.90
CA VAL E 79 48.51 -23.89 2.52
C VAL E 79 47.58 -23.36 1.46
N TYR E 80 46.29 -23.29 1.79
CA TYR E 80 45.27 -22.76 0.86
C TYR E 80 44.79 -21.43 1.43
N ALA E 81 44.75 -20.39 0.59
CA ALA E 81 44.30 -19.07 1.06
C ALA E 81 43.07 -18.63 0.26
N ASP E 82 41.89 -18.73 0.85
CA ASP E 82 40.68 -18.29 0.16
C ASP E 82 40.39 -16.84 0.57
N SER E 83 40.20 -15.97 -0.42
CA SER E 83 40.03 -14.55 -0.16
C SER E 83 38.81 -14.03 -0.90
N PHE E 84 38.06 -13.15 -0.23
CA PHE E 84 36.86 -12.52 -0.83
C PHE E 84 36.49 -11.29 -0.03
N VAL E 85 35.26 -10.78 -0.22
CA VAL E 85 34.79 -9.56 0.49
C VAL E 85 33.31 -9.74 0.81
N ILE E 86 32.91 -9.44 2.04
CA ILE E 86 31.47 -9.52 2.44
C ILE E 86 31.14 -8.28 3.27
N ARG E 87 29.93 -8.23 3.83
CA ARG E 87 29.57 -7.09 4.71
C ARG E 87 29.85 -7.53 6.15
N GLY E 88 30.04 -6.57 7.04
CA GLY E 88 30.42 -6.86 8.41
C GLY E 88 29.54 -7.90 9.09
N ASP E 89 28.22 -7.70 9.04
CA ASP E 89 27.29 -8.56 9.76
C ASP E 89 27.31 -10.01 9.28
N GLU E 90 28.11 -10.31 8.26
CA GLU E 90 28.22 -11.67 7.77
C GLU E 90 29.55 -12.35 8.07
N VAL E 91 30.53 -11.62 8.63
CA VAL E 91 31.79 -12.26 8.98
C VAL E 91 31.59 -13.31 10.06
N ARG E 92 30.51 -13.19 10.84
CA ARG E 92 30.17 -14.17 11.86
C ARG E 92 29.75 -15.49 11.23
N GLN E 93 29.68 -15.54 9.90
CA GLN E 93 29.24 -16.74 9.19
C GLN E 93 30.40 -17.58 8.66
N ILE E 94 31.61 -17.04 8.63
CA ILE E 94 32.76 -17.81 8.15
C ILE E 94 33.41 -18.52 9.33
N ALA E 95 32.74 -19.58 9.78
CA ALA E 95 33.15 -20.40 10.91
C ALA E 95 32.46 -21.74 10.78
N PRO E 96 33.03 -22.81 11.30
CA PRO E 96 32.37 -24.12 11.17
C PRO E 96 31.01 -24.13 11.83
N GLY E 97 30.04 -24.72 11.14
CA GLY E 97 28.73 -24.95 11.70
C GLY E 97 27.82 -23.74 11.78
N GLN E 98 28.08 -22.70 10.99
CA GLN E 98 27.24 -21.51 11.01
C GLN E 98 26.37 -21.47 9.76
N THR E 99 25.24 -20.79 9.86
CA THR E 99 24.25 -20.73 8.80
C THR E 99 24.00 -19.27 8.38
N GLY E 100 23.19 -19.13 7.34
CA GLY E 100 23.01 -17.87 6.64
C GLY E 100 23.35 -17.99 5.16
N LYS E 101 23.02 -16.93 4.42
CA LYS E 101 23.08 -17.02 2.97
C LYS E 101 24.52 -17.04 2.44
N ILE E 102 25.47 -16.50 3.20
CA ILE E 102 26.87 -16.64 2.79
C ILE E 102 27.38 -18.05 3.07
N ALA E 103 27.05 -18.60 4.23
CA ALA E 103 27.45 -19.96 4.53
C ALA E 103 26.67 -20.98 3.70
N ASP E 104 25.40 -20.70 3.41
CA ASP E 104 24.58 -21.65 2.69
C ASP E 104 24.82 -21.59 1.18
N TYR E 105 24.99 -20.40 0.61
CA TYR E 105 25.00 -20.23 -0.83
C TYR E 105 26.29 -19.67 -1.41
N ASN E 106 27.29 -19.36 -0.58
CA ASN E 106 28.48 -18.69 -1.11
C ASN E 106 29.79 -19.36 -0.70
N TYR E 107 30.02 -19.53 0.60
CA TYR E 107 31.28 -20.07 1.09
C TYR E 107 31.02 -20.84 2.38
N LYS E 108 31.28 -22.14 2.35
CA LYS E 108 30.97 -23.03 3.48
C LYS E 108 32.25 -23.70 3.97
N LEU E 109 32.49 -23.63 5.27
CA LEU E 109 33.57 -24.30 6.00
C LEU E 109 33.07 -25.60 6.60
N PRO E 110 33.89 -26.64 6.60
CA PRO E 110 33.44 -27.94 7.14
C PRO E 110 33.40 -27.91 8.66
N ASP E 111 32.62 -28.84 9.22
CA ASP E 111 32.54 -28.97 10.67
C ASP E 111 33.89 -29.37 11.25
N ASP E 112 34.64 -30.17 10.52
CA ASP E 112 36.00 -30.62 10.86
C ASP E 112 37.07 -29.61 10.46
N PHE E 113 36.74 -28.32 10.37
CA PHE E 113 37.71 -27.35 9.88
C PHE E 113 38.86 -27.18 10.86
N THR E 114 40.08 -27.31 10.34
CA THR E 114 41.28 -26.91 11.06
C THR E 114 41.96 -25.86 10.19
N GLY E 115 42.08 -24.64 10.73
CA GLY E 115 42.50 -23.51 9.93
C GLY E 115 42.23 -22.21 10.66
N CYS E 116 42.18 -21.12 9.89
CA CYS E 116 41.83 -19.83 10.50
C CYS E 116 41.12 -18.91 9.51
N VAL E 117 40.61 -17.81 10.07
CA VAL E 117 39.71 -16.86 9.43
C VAL E 117 40.20 -15.49 9.86
N ILE E 118 40.55 -14.65 8.90
CA ILE E 118 41.13 -13.33 9.14
C ILE E 118 40.29 -12.33 8.36
N ALA E 119 39.85 -11.27 9.02
CA ALA E 119 38.96 -10.31 8.40
C ALA E 119 39.29 -8.91 8.90
N TRP E 120 39.26 -7.95 7.97
CA TRP E 120 39.54 -6.56 8.32
C TRP E 120 38.70 -5.62 7.47
N ASN E 121 38.42 -4.45 8.03
CA ASN E 121 37.58 -3.47 7.36
C ASN E 121 38.29 -2.85 6.16
N SER E 122 37.61 -2.86 5.01
CA SER E 122 38.15 -2.32 3.76
C SER E 122 37.33 -1.14 3.25
N ASN E 123 36.58 -0.47 4.13
CA ASN E 123 35.67 0.60 3.72
C ASN E 123 36.39 1.71 2.97
N ASN E 124 37.65 1.98 3.30
CA ASN E 124 38.35 3.11 2.68
C ASN E 124 38.83 2.81 1.26
N LEU E 125 38.72 1.58 0.78
CA LEU E 125 39.10 1.26 -0.59
C LEU E 125 38.08 0.42 -1.35
N ASP E 126 37.17 -0.29 -0.69
CA ASP E 126 36.21 -1.15 -1.35
C ASP E 126 34.81 -0.53 -1.39
N SER E 127 34.63 0.63 -0.79
CA SER E 127 33.40 1.38 -0.89
C SER E 127 33.54 2.49 -1.92
N LYS E 128 32.41 3.10 -2.27
CA LYS E 128 32.40 4.21 -3.22
C LYS E 128 31.14 5.03 -2.98
N VAL E 129 31.26 6.34 -3.14
CA VAL E 129 30.11 7.22 -2.95
C VAL E 129 29.11 6.99 -4.07
N GLY E 130 27.84 6.80 -3.72
CA GLY E 130 26.85 6.38 -4.67
C GLY E 130 26.75 4.89 -4.87
N GLY E 131 27.61 4.10 -4.23
CA GLY E 131 27.53 2.66 -4.32
C GLY E 131 28.61 2.02 -5.16
N ASN E 132 29.30 1.03 -4.61
CA ASN E 132 30.21 0.18 -5.37
C ASN E 132 29.49 -1.14 -5.63
N TYR E 133 29.04 -1.34 -6.87
CA TYR E 133 28.25 -2.49 -7.24
C TYR E 133 29.08 -3.62 -7.84
N ASN E 134 30.41 -3.58 -7.66
CA ASN E 134 31.28 -4.59 -8.25
C ASN E 134 31.34 -5.88 -7.43
N TYR E 135 30.97 -5.84 -6.15
CA TYR E 135 31.01 -7.00 -5.28
C TYR E 135 29.63 -7.65 -5.22
N LEU E 136 29.55 -8.90 -5.62
CA LEU E 136 28.28 -9.63 -5.71
C LEU E 136 28.28 -10.80 -4.72
N TYR E 137 27.09 -11.36 -4.54
CA TYR E 137 26.86 -12.51 -3.68
C TYR E 137 25.65 -13.27 -4.20
N ARG E 138 25.69 -14.59 -4.04
CA ARG E 138 24.56 -15.42 -4.43
C ARG E 138 23.48 -15.35 -3.37
N LEU E 139 22.25 -15.04 -3.78
CA LEU E 139 21.13 -14.90 -2.86
C LEU E 139 20.07 -15.97 -3.07
N PHE E 140 20.09 -16.66 -4.21
CA PHE E 140 19.17 -17.75 -4.48
C PHE E 140 19.96 -18.97 -4.95
N ARG E 141 19.56 -20.12 -4.44
CA ARG E 141 20.10 -21.43 -4.82
C ARG E 141 19.14 -22.47 -4.28
N LYS E 142 19.07 -23.62 -4.95
CA LYS E 142 18.06 -24.60 -4.58
C LYS E 142 18.49 -25.44 -3.38
N SER E 143 19.78 -25.48 -3.07
N SER E 143 19.78 -25.46 -3.06
CA SER E 143 20.29 -26.21 -1.91
CA SER E 143 20.27 -26.16 -1.88
C SER E 143 21.58 -25.56 -1.44
C SER E 143 21.52 -25.47 -1.39
N ASN E 144 21.92 -25.81 -0.17
CA ASN E 144 23.11 -25.25 0.44
C ASN E 144 24.37 -25.81 -0.21
N LEU E 145 25.46 -25.06 -0.11
CA LEU E 145 26.74 -25.51 -0.60
C LEU E 145 27.34 -26.58 0.31
N LYS E 146 28.12 -27.47 -0.26
CA LYS E 146 28.94 -28.40 0.49
C LYS E 146 30.27 -27.74 0.81
N PRO E 147 30.97 -28.19 1.86
CA PRO E 147 32.19 -27.51 2.29
C PRO E 147 33.17 -27.28 1.15
N PHE E 148 33.65 -26.04 1.03
CA PHE E 148 34.62 -25.60 0.04
C PHE E 148 34.11 -25.77 -1.40
N GLU E 149 32.80 -25.87 -1.58
CA GLU E 149 32.22 -25.85 -2.91
C GLU E 149 32.13 -24.41 -3.41
N ARG E 150 32.26 -24.24 -4.72
CA ARG E 150 32.28 -22.91 -5.32
C ARG E 150 31.34 -22.91 -6.51
N ASP E 151 30.31 -22.07 -6.46
CA ASP E 151 29.28 -21.99 -7.49
C ASP E 151 29.33 -20.62 -8.12
N ILE E 152 29.54 -20.57 -9.43
CA ILE E 152 29.51 -19.33 -10.19
C ILE E 152 28.49 -19.40 -11.32
N SER E 153 27.52 -20.31 -11.20
CA SER E 153 26.35 -20.33 -12.07
C SER E 153 25.72 -18.96 -12.21
N THR E 154 25.27 -18.65 -13.42
CA THR E 154 24.41 -17.50 -13.66
C THR E 154 23.00 -17.92 -14.06
N GLU E 155 22.62 -19.15 -13.73
CA GLU E 155 21.35 -19.69 -14.19
C GLU E 155 20.18 -19.02 -13.47
N ILE E 156 19.10 -18.79 -14.21
CA ILE E 156 17.92 -18.12 -13.64
C ILE E 156 17.29 -19.03 -12.60
N TYR E 157 16.98 -18.46 -11.43
CA TYR E 157 16.47 -19.22 -10.31
C TYR E 157 14.96 -19.34 -10.39
N GLN E 158 14.47 -20.58 -10.47
CA GLN E 158 13.04 -20.86 -10.52
C GLN E 158 12.52 -20.97 -9.10
N ALA E 159 11.78 -19.96 -8.65
CA ALA E 159 11.23 -19.95 -7.30
C ALA E 159 9.74 -20.31 -7.28
N GLY E 160 9.25 -20.97 -8.32
CA GLY E 160 7.87 -21.39 -8.39
C GLY E 160 7.71 -22.67 -9.19
N SER E 161 6.49 -22.97 -9.61
CA SER E 161 6.22 -24.20 -10.36
CA SER E 161 6.23 -24.19 -10.37
C SER E 161 6.48 -24.05 -11.86
N THR E 162 6.46 -22.81 -12.38
CA THR E 162 6.63 -22.55 -13.81
C THR E 162 8.10 -22.47 -14.18
N PRO E 163 8.55 -23.21 -15.19
CA PRO E 163 9.94 -23.08 -15.63
C PRO E 163 10.23 -21.68 -16.15
N CYS E 164 11.51 -21.37 -16.27
CA CYS E 164 11.97 -20.03 -16.62
C CYS E 164 12.52 -19.91 -18.03
N ASN E 165 13.19 -20.95 -18.51
CA ASN E 165 13.79 -20.97 -19.85
C ASN E 165 14.76 -19.80 -20.04
N GLY E 166 15.58 -19.56 -19.02
CA GLY E 166 16.67 -18.60 -19.08
C GLY E 166 16.28 -17.14 -19.18
N VAL E 167 14.99 -16.82 -19.08
CA VAL E 167 14.54 -15.43 -19.11
C VAL E 167 13.94 -15.10 -17.75
N GLU E 168 14.30 -13.93 -17.22
CA GLU E 168 13.78 -13.48 -15.94
C GLU E 168 12.30 -13.12 -16.03
N GLY E 169 11.60 -13.31 -14.92
CA GLY E 169 10.20 -12.96 -14.84
C GLY E 169 9.71 -13.12 -13.41
N PHE E 170 8.38 -13.20 -13.27
CA PHE E 170 7.80 -13.51 -11.98
C PHE E 170 8.26 -14.88 -11.51
N ASN E 171 8.68 -14.97 -10.24
CA ASN E 171 9.17 -16.22 -9.64
C ASN E 171 10.28 -16.84 -10.49
N CYS E 172 11.04 -16.00 -11.19
CA CYS E 172 12.23 -16.44 -11.91
C CYS E 172 13.25 -15.31 -11.82
N TYR E 173 14.34 -15.53 -11.08
CA TYR E 173 15.19 -14.43 -10.62
C TYR E 173 16.63 -14.63 -11.07
N PHE E 174 17.32 -13.52 -11.29
CA PHE E 174 18.77 -13.56 -11.43
C PHE E 174 19.36 -13.91 -10.07
N PRO E 175 20.14 -14.99 -9.96
CA PRO E 175 20.50 -15.50 -8.63
C PRO E 175 21.47 -14.62 -7.87
N LEU E 176 22.28 -13.82 -8.55
CA LEU E 176 23.23 -12.96 -7.88
C LEU E 176 22.57 -11.63 -7.52
N GLN E 177 23.16 -10.95 -6.52
CA GLN E 177 22.83 -9.57 -6.25
C GLN E 177 24.09 -8.90 -5.70
N SER E 178 24.12 -7.58 -5.68
CA SER E 178 25.34 -6.90 -5.26
C SER E 178 25.10 -6.12 -3.99
N TYR E 179 26.21 -5.69 -3.38
CA TYR E 179 26.20 -5.09 -2.06
C TYR E 179 25.98 -3.59 -2.12
N GLY E 180 26.62 -2.91 -3.09
CA GLY E 180 26.48 -1.48 -3.20
C GLY E 180 27.09 -0.77 -2.01
N PHE E 181 28.36 -1.03 -1.75
CA PHE E 181 29.03 -0.43 -0.61
C PHE E 181 29.18 1.07 -0.83
N GLN E 182 28.57 1.87 0.03
CA GLN E 182 28.82 3.29 0.06
C GLN E 182 29.40 3.68 1.41
N PRO E 183 30.29 4.69 1.45
CA PRO E 183 31.05 4.94 2.69
C PRO E 183 30.21 5.43 3.85
N THR E 184 28.94 5.78 3.63
CA THR E 184 28.10 6.35 4.67
C THR E 184 27.29 5.30 5.41
N ASN E 185 27.55 4.01 5.18
CA ASN E 185 26.76 2.95 5.78
C ASN E 185 27.24 2.65 7.20
N GLY E 186 26.43 1.89 7.92
CA GLY E 186 26.86 1.35 9.20
C GLY E 186 27.91 0.26 9.02
N VAL E 187 28.71 0.05 10.07
CA VAL E 187 29.81 -0.91 9.99
C VAL E 187 29.30 -2.31 9.68
N GLY E 188 28.05 -2.62 10.08
CA GLY E 188 27.48 -3.91 9.74
C GLY E 188 27.23 -4.12 8.26
N TYR E 189 27.14 -3.04 7.49
CA TYR E 189 26.92 -3.10 6.05
C TYR E 189 28.12 -2.60 5.26
N GLN E 190 29.29 -2.49 5.90
CA GLN E 190 30.50 -2.01 5.25
C GLN E 190 31.33 -3.17 4.73
N PRO E 191 32.21 -2.92 3.75
CA PRO E 191 32.98 -4.04 3.16
C PRO E 191 34.11 -4.50 4.09
N TYR E 192 34.17 -5.82 4.29
CA TYR E 192 35.21 -6.47 5.06
C TYR E 192 35.89 -7.51 4.17
N ARG E 193 37.22 -7.41 4.08
CA ARG E 193 38.04 -8.36 3.34
C ARG E 193 38.36 -9.54 4.23
N VAL E 194 38.20 -10.75 3.70
CA VAL E 194 38.32 -11.99 4.45
C VAL E 194 39.28 -12.92 3.74
N VAL E 195 40.21 -13.50 4.51
CA VAL E 195 41.14 -14.52 4.05
C VAL E 195 41.06 -15.70 5.02
N VAL E 196 40.83 -16.89 4.47
CA VAL E 196 40.74 -18.13 5.23
C VAL E 196 41.94 -18.98 4.86
N LEU E 197 42.69 -19.44 5.87
CA LEU E 197 43.84 -20.31 5.64
C LEU E 197 43.53 -21.72 6.10
N SER E 198 43.51 -22.64 5.14
CA SER E 198 43.25 -24.08 5.32
C SER E 198 44.58 -24.84 5.27
N PHE E 199 44.92 -25.55 6.36
CA PHE E 199 46.19 -26.26 6.52
C PHE E 199 46.14 -27.73 6.07
N GLU E 200 47.17 -28.21 5.34
CA GLU E 200 47.14 -29.54 4.67
C GLU E 200 47.82 -30.62 5.52
N LEU E 201 47.04 -31.57 6.02
CA LEU E 201 47.58 -32.77 6.67
C LEU E 201 47.39 -33.98 5.74
N LEU E 202 48.41 -34.24 4.91
CA LEU E 202 48.48 -35.49 4.16
C LEU E 202 49.62 -36.34 4.69
N HIS E 203 49.45 -37.67 4.64
CA HIS E 203 50.50 -38.62 5.02
C HIS E 203 51.47 -38.74 3.86
N ALA E 204 52.38 -37.76 3.76
CA ALA E 204 53.19 -37.54 2.56
C ALA E 204 54.32 -36.54 2.90
N PRO E 205 54.91 -35.71 1.95
CA PRO E 205 56.14 -34.98 2.34
C PRO E 205 55.89 -33.71 3.17
N ALA E 206 56.83 -32.75 3.13
CA ALA E 206 56.80 -31.50 3.88
C ALA E 206 56.81 -30.31 2.91
N THR E 207 56.68 -29.06 3.39
CA THR E 207 56.21 -27.98 2.51
C THR E 207 56.45 -26.57 3.03
N VAL E 208 55.48 -26.05 3.79
CA VAL E 208 55.53 -24.73 4.40
C VAL E 208 55.61 -24.91 5.90
N CYS E 209 56.61 -24.27 6.51
CA CYS E 209 56.77 -24.39 7.98
C CYS E 209 57.12 -23.02 8.55
N GLY E 210 56.95 -22.87 9.87
CA GLY E 210 57.28 -21.61 10.56
C GLY E 210 58.74 -21.60 10.96
N PRO E 211 59.29 -20.49 11.47
CA PRO E 211 60.70 -20.44 11.85
C PRO E 211 60.91 -20.98 13.27
N CYS F 20 -59.54 14.28 -4.77
CA CYS F 20 -59.29 13.67 -6.10
C CYS F 20 -58.23 12.56 -5.97
N PRO F 21 -57.01 12.77 -6.50
CA PRO F 21 -55.94 11.78 -6.48
C PRO F 21 -54.75 12.36 -5.73
N PHE F 22 -53.53 11.95 -6.09
CA PHE F 22 -52.28 12.41 -5.44
C PHE F 22 -52.45 12.31 -3.92
N GLY F 23 -52.18 13.41 -3.22
CA GLY F 23 -52.39 13.48 -1.76
C GLY F 23 -51.57 12.48 -0.96
N GLU F 24 -51.97 11.21 -0.91
CA GLU F 24 -51.26 10.21 -0.07
C GLU F 24 -50.12 9.51 -0.83
N VAL F 25 -49.73 10.03 -1.98
CA VAL F 25 -48.56 9.46 -2.71
C VAL F 25 -47.35 10.29 -2.28
N PHE F 26 -47.58 11.57 -2.01
CA PHE F 26 -46.51 12.51 -1.59
C PHE F 26 -46.39 12.51 -0.07
N ASN F 27 -47.43 12.07 0.64
CA ASN F 27 -47.33 12.14 2.11
C ASN F 27 -47.27 10.73 2.69
N ALA F 28 -46.92 9.75 1.86
CA ALA F 28 -46.79 8.38 2.38
C ALA F 28 -45.74 8.39 3.49
N THR F 29 -46.05 7.79 4.63
CA THR F 29 -45.09 7.79 5.74
C THR F 29 -43.86 6.96 5.40
N ARG F 30 -44.05 5.76 4.88
CA ARG F 30 -42.96 4.91 4.39
C ARG F 30 -42.82 5.06 2.89
N PHE F 31 -41.58 5.20 2.43
CA PHE F 31 -41.27 5.21 1.01
C PHE F 31 -40.48 3.96 0.62
N ALA F 32 -40.55 3.62 -0.66
CA ALA F 32 -39.88 2.43 -1.17
C ALA F 32 -38.43 2.73 -1.52
N SER F 33 -37.64 1.66 -1.61
CA SER F 33 -36.28 1.74 -2.12
C SER F 33 -36.30 1.84 -3.65
N VAL F 34 -35.23 2.43 -4.21
CA VAL F 34 -35.25 2.77 -5.62
C VAL F 34 -35.23 1.52 -6.50
N TYR F 35 -34.73 0.39 -5.98
CA TYR F 35 -34.77 -0.84 -6.76
C TYR F 35 -36.16 -1.45 -6.76
N ALA F 36 -36.95 -1.17 -5.72
CA ALA F 36 -38.33 -1.65 -5.63
C ALA F 36 -39.31 -0.48 -5.66
N TRP F 37 -39.12 0.44 -6.62
CA TRP F 37 -39.91 1.66 -6.66
C TRP F 37 -41.40 1.35 -6.81
N ASN F 38 -42.23 2.09 -6.09
CA ASN F 38 -43.67 1.80 -6.08
C ASN F 38 -44.38 2.65 -7.12
N ARG F 39 -45.55 2.18 -7.55
CA ARG F 39 -46.33 2.86 -8.57
C ARG F 39 -47.80 2.93 -8.16
N LYS F 40 -48.39 4.10 -8.33
CA LYS F 40 -49.80 4.38 -8.05
C LYS F 40 -50.48 4.79 -9.35
N ARG F 41 -51.70 4.29 -9.54
CA ARG F 41 -52.42 4.38 -10.81
C ARG F 41 -53.30 5.63 -10.81
N ILE F 42 -52.73 6.76 -11.25
CA ILE F 42 -53.54 7.94 -11.48
C ILE F 42 -54.50 7.66 -12.63
N CYS F 45 -59.68 11.46 -12.59
CA CYS F 45 -60.53 12.28 -11.75
C CYS F 45 -60.12 13.68 -12.20
N VAL F 46 -60.54 14.77 -11.55
CA VAL F 46 -59.94 16.07 -11.81
C VAL F 46 -58.68 16.30 -10.96
N ALA F 47 -57.59 16.68 -11.62
CA ALA F 47 -56.38 17.03 -10.87
C ALA F 47 -55.85 18.39 -11.28
N ASP F 48 -55.52 19.18 -10.27
CA ASP F 48 -54.90 20.49 -10.44
C ASP F 48 -53.46 20.39 -9.92
N TYR F 49 -52.50 20.58 -10.82
CA TYR F 49 -51.09 20.40 -10.52
C TYR F 49 -50.51 21.54 -9.71
N SER F 50 -51.18 22.69 -9.65
CA SER F 50 -50.67 23.87 -8.98
C SER F 50 -50.99 23.86 -7.49
N VAL F 51 -51.53 22.76 -6.96
CA VAL F 51 -51.42 22.55 -5.52
C VAL F 51 -50.02 22.03 -5.21
N LEU F 52 -49.45 21.24 -6.13
CA LEU F 52 -48.07 20.79 -6.03
C LEU F 52 -47.10 21.83 -6.56
N TYR F 53 -47.48 22.55 -7.63
CA TYR F 53 -46.61 23.58 -8.19
C TYR F 53 -46.44 24.76 -7.24
N ASN F 54 -47.54 25.07 -6.56
CA ASN F 54 -47.61 26.18 -5.57
C ASN F 54 -47.38 25.58 -4.19
N SER F 55 -46.12 25.51 -3.77
CA SER F 55 -45.79 24.88 -2.47
C SER F 55 -44.45 25.40 -1.98
N ALA F 56 -43.43 25.35 -2.83
CA ALA F 56 -42.03 25.76 -2.56
C ALA F 56 -41.38 24.86 -1.49
N SER F 57 -41.83 23.60 -1.42
CA SER F 57 -41.33 22.61 -0.46
C SER F 57 -40.74 21.47 -1.31
N PHE F 58 -40.65 21.72 -2.60
CA PHE F 58 -40.09 20.72 -3.54
C PHE F 58 -38.76 21.25 -4.05
N SER F 59 -37.68 20.67 -3.57
CA SER F 59 -36.36 21.14 -3.99
C SER F 59 -36.07 20.92 -5.46
N THR F 60 -36.78 19.99 -6.10
CA THR F 60 -36.68 19.81 -7.54
C THR F 60 -38.08 19.60 -8.08
N PHE F 61 -38.42 20.34 -9.12
CA PHE F 61 -39.69 20.18 -9.84
C PHE F 61 -39.36 20.48 -11.30
N LYS F 62 -39.21 19.44 -12.10
CA LYS F 62 -38.70 19.59 -13.45
C LYS F 62 -39.60 18.85 -14.43
N CYS F 63 -39.73 19.39 -15.64
CA CYS F 63 -40.78 18.93 -16.53
C CYS F 63 -40.28 18.81 -17.96
N TYR F 64 -40.97 17.94 -18.70
CA TYR F 64 -40.46 17.39 -19.95
C TYR F 64 -41.64 17.21 -20.89
N GLY F 65 -41.59 17.93 -22.00
CA GLY F 65 -42.71 17.99 -22.94
C GLY F 65 -43.78 18.96 -22.51
N VAL F 66 -44.17 18.89 -21.25
CA VAL F 66 -45.05 19.86 -20.64
C VAL F 66 -44.22 20.77 -19.75
N SER F 67 -44.80 21.89 -19.33
CA SER F 67 -44.15 22.90 -18.50
C SER F 67 -45.04 23.27 -17.33
N PRO F 68 -44.44 23.81 -16.22
CA PRO F 68 -44.98 23.58 -14.86
C PRO F 68 -46.49 23.54 -14.62
N THR F 69 -47.31 24.44 -15.16
CA THR F 69 -48.76 24.22 -15.09
C THR F 69 -49.49 24.85 -16.29
N LYS F 70 -48.90 24.72 -17.46
CA LYS F 70 -49.74 24.71 -18.68
C LYS F 70 -50.59 23.37 -18.75
N LEU F 71 -50.60 22.70 -17.59
CA LEU F 71 -51.12 21.36 -17.41
C LEU F 71 -52.58 21.35 -16.96
N ASN F 72 -53.11 22.48 -16.52
CA ASN F 72 -54.52 22.58 -16.17
C ASN F 72 -55.42 22.77 -17.39
N ASP F 73 -54.91 22.60 -18.60
CA ASP F 73 -55.72 22.83 -19.78
C ASP F 73 -55.79 21.67 -20.76
N LEU F 74 -55.02 20.60 -20.56
CA LEU F 74 -55.09 19.43 -21.44
C LEU F 74 -55.02 18.17 -20.60
N CYS F 75 -55.44 17.05 -21.21
CA CYS F 75 -55.63 15.80 -20.49
C CYS F 75 -55.22 14.64 -21.40
N PHE F 76 -55.24 13.43 -20.84
CA PHE F 76 -54.55 12.26 -21.39
C PHE F 76 -55.38 11.03 -21.05
N THR F 77 -54.76 9.84 -21.16
CA THR F 77 -55.44 8.59 -20.83
C THR F 77 -55.28 8.36 -19.34
N ASN F 78 -54.05 8.08 -18.91
CA ASN F 78 -53.81 7.77 -17.51
C ASN F 78 -52.42 8.26 -17.19
N VAL F 79 -52.18 8.51 -15.91
CA VAL F 79 -50.85 8.95 -15.52
C VAL F 79 -50.48 8.13 -14.30
N TYR F 80 -49.18 7.94 -14.10
CA TYR F 80 -48.70 7.09 -13.02
C TYR F 80 -47.83 7.88 -12.06
N ALA F 81 -47.90 7.52 -10.78
CA ALA F 81 -47.12 8.17 -9.74
C ALA F 81 -46.14 7.14 -9.17
N ASP F 82 -44.89 7.20 -9.62
CA ASP F 82 -43.82 6.36 -9.11
C ASP F 82 -43.13 7.05 -7.94
N SER F 83 -42.92 6.30 -6.86
CA SER F 83 -42.35 6.85 -5.63
C SER F 83 -41.19 5.99 -5.14
N PHE F 84 -40.13 6.66 -4.69
CA PHE F 84 -38.96 5.98 -4.13
C PHE F 84 -38.09 6.99 -3.40
N VAL F 85 -36.95 6.50 -2.90
CA VAL F 85 -35.97 7.31 -2.17
C VAL F 85 -34.60 7.08 -2.78
N ILE F 86 -33.83 8.16 -2.95
CA ILE F 86 -32.46 8.05 -3.41
C ILE F 86 -31.59 9.03 -2.66
N ARG F 87 -30.38 9.26 -3.17
CA ARG F 87 -29.46 10.26 -2.66
C ARG F 87 -29.65 11.56 -3.44
N GLY F 88 -29.22 12.67 -2.81
CA GLY F 88 -29.35 13.96 -3.47
C GLY F 88 -28.66 14.00 -4.81
N ASP F 89 -27.38 13.61 -4.84
CA ASP F 89 -26.56 13.67 -6.03
C ASP F 89 -27.06 12.74 -7.13
N GLU F 90 -28.13 11.99 -6.84
CA GLU F 90 -28.72 11.07 -7.81
C GLU F 90 -30.05 11.55 -8.38
N VAL F 91 -30.61 12.65 -7.86
CA VAL F 91 -31.84 13.16 -8.46
C VAL F 91 -31.59 13.65 -9.89
N ARG F 92 -30.35 14.04 -10.20
CA ARG F 92 -29.99 14.34 -11.58
C ARG F 92 -30.35 13.20 -12.52
N GLN F 93 -30.31 11.96 -12.02
CA GLN F 93 -30.49 10.77 -12.85
C GLN F 93 -31.94 10.45 -13.14
N ILE F 94 -32.88 11.09 -12.45
CA ILE F 94 -34.29 10.86 -12.70
C ILE F 94 -34.75 11.82 -13.79
N ALA F 95 -34.31 11.55 -15.02
CA ALA F 95 -34.60 12.39 -16.17
C ALA F 95 -34.33 11.59 -17.43
N PRO F 96 -35.03 11.87 -18.54
CA PRO F 96 -34.75 11.15 -19.78
C PRO F 96 -33.34 11.37 -20.28
N GLY F 97 -32.74 10.30 -20.77
CA GLY F 97 -31.43 10.37 -21.42
C GLY F 97 -30.25 10.48 -20.50
N GLN F 98 -30.39 10.11 -19.23
CA GLN F 98 -29.31 10.16 -18.26
C GLN F 98 -28.79 8.75 -17.95
N THR F 99 -27.55 8.68 -17.52
CA THR F 99 -26.90 7.42 -17.18
C THR F 99 -26.39 7.46 -15.75
N GLY F 100 -25.89 6.32 -15.30
CA GLY F 100 -25.57 6.08 -13.90
C GLY F 100 -26.33 4.88 -13.36
N LYS F 101 -25.92 4.47 -12.16
CA LYS F 101 -26.44 3.21 -11.64
C LYS F 101 -27.91 3.29 -11.22
N ILE F 102 -28.41 4.47 -10.91
CA ILE F 102 -29.85 4.59 -10.68
C ILE F 102 -30.63 4.54 -11.99
N ALA F 103 -30.15 5.25 -13.01
CA ALA F 103 -30.81 5.21 -14.31
C ALA F 103 -30.58 3.88 -15.00
N ASP F 104 -29.40 3.28 -14.83
CA ASP F 104 -29.10 2.05 -15.55
C ASP F 104 -29.67 0.82 -14.84
N TYR F 105 -29.64 0.77 -13.51
CA TYR F 105 -29.93 -0.45 -12.78
C TYR F 105 -31.15 -0.37 -11.87
N ASN F 106 -31.81 0.79 -11.78
CA ASN F 106 -32.89 0.92 -10.80
C ASN F 106 -34.17 1.49 -11.39
N TYR F 107 -34.11 2.68 -12.00
CA TYR F 107 -35.29 3.37 -12.50
C TYR F 107 -34.91 4.17 -13.72
N LYS F 108 -35.49 3.84 -14.87
CA LYS F 108 -35.14 4.45 -16.15
C LYS F 108 -36.34 5.13 -16.77
N LEU F 109 -36.16 6.38 -17.17
CA LEU F 109 -37.16 7.14 -17.93
C LEU F 109 -36.84 7.06 -19.42
N PRO F 110 -37.84 6.95 -20.28
CA PRO F 110 -37.58 6.82 -21.71
C PRO F 110 -37.14 8.15 -22.32
N ASP F 111 -36.49 8.06 -23.48
CA ASP F 111 -36.04 9.27 -24.15
C ASP F 111 -37.22 10.15 -24.56
N ASP F 112 -38.33 9.53 -24.99
CA ASP F 112 -39.57 10.25 -25.29
C ASP F 112 -40.44 10.49 -24.06
N PHE F 113 -39.86 10.56 -22.87
CA PHE F 113 -40.67 10.76 -21.68
C PHE F 113 -41.27 12.14 -21.71
N THR F 114 -42.59 12.22 -21.58
CA THR F 114 -43.30 13.46 -21.34
C THR F 114 -44.04 13.32 -20.02
N GLY F 115 -43.66 14.17 -19.08
CA GLY F 115 -44.07 14.04 -17.68
C GLY F 115 -43.19 14.92 -16.80
N CYS F 116 -43.19 14.64 -15.50
CA CYS F 116 -42.31 15.44 -14.65
C CYS F 116 -41.87 14.69 -13.41
N VAL F 117 -40.91 15.31 -12.70
CA VAL F 117 -40.14 14.67 -11.64
C VAL F 117 -40.08 15.66 -10.50
N ILE F 118 -40.51 15.24 -9.32
CA ILE F 118 -40.62 16.08 -8.14
C ILE F 118 -39.83 15.41 -7.03
N ALA F 119 -38.95 16.16 -6.37
CA ALA F 119 -38.07 15.58 -5.37
C ALA F 119 -37.88 16.58 -4.24
N TRP F 120 -37.85 16.07 -3.01
CA TRP F 120 -37.62 16.94 -1.86
C TRP F 120 -36.79 16.21 -0.82
N ASN F 121 -36.06 17.01 -0.03
CA ASN F 121 -35.14 16.46 0.95
C ASN F 121 -35.91 15.78 2.09
N SER F 122 -35.52 14.55 2.39
CA SER F 122 -36.17 13.75 3.42
C SER F 122 -35.25 13.44 4.60
N ASN F 123 -34.21 14.25 4.79
CA ASN F 123 -33.23 13.96 5.83
C ASN F 123 -33.87 13.88 7.21
N ASN F 124 -34.92 14.65 7.45
CA ASN F 124 -35.52 14.70 8.78
C ASN F 124 -36.37 13.47 9.11
N LEU F 125 -36.57 12.54 8.16
CA LEU F 125 -37.36 11.36 8.48
C LEU F 125 -36.70 10.04 8.11
N ASP F 126 -35.79 10.05 7.13
CA ASP F 126 -35.22 8.79 6.65
C ASP F 126 -33.75 8.59 7.03
N SER F 127 -33.10 9.56 7.67
CA SER F 127 -31.74 9.36 8.17
C SER F 127 -31.78 9.14 9.66
N LYS F 128 -31.12 8.06 10.11
CA LYS F 128 -31.05 7.70 11.51
C LYS F 128 -29.59 7.79 11.97
N VAL F 129 -29.38 8.34 13.17
CA VAL F 129 -28.03 8.43 13.70
C VAL F 129 -27.45 7.03 13.85
N GLY F 130 -26.24 6.84 13.35
CA GLY F 130 -25.66 5.52 13.22
C GLY F 130 -26.01 4.80 11.95
N GLY F 131 -26.87 5.38 11.11
CA GLY F 131 -27.18 4.81 9.81
C GLY F 131 -28.56 4.18 9.70
N ASN F 132 -29.32 4.59 8.69
CA ASN F 132 -30.56 3.92 8.31
C ASN F 132 -30.25 3.08 7.07
N TYR F 133 -30.14 1.77 7.25
CA TYR F 133 -29.78 0.85 6.18
C TYR F 133 -30.99 0.20 5.54
N ASN F 134 -32.19 0.76 5.73
CA ASN F 134 -33.40 0.17 5.19
C ASN F 134 -33.63 0.51 3.73
N TYR F 135 -32.98 1.56 3.22
CA TYR F 135 -33.13 1.96 1.83
C TYR F 135 -31.97 1.40 1.02
N LEU F 136 -32.31 0.60 0.00
CA LEU F 136 -31.30 -0.07 -0.81
C LEU F 136 -31.38 0.39 -2.27
N TYR F 137 -30.38 -0.02 -3.03
CA TYR F 137 -30.27 0.27 -4.45
C TYR F 137 -29.47 -0.84 -5.11
N ARG F 138 -29.84 -1.15 -6.36
CA ARG F 138 -29.11 -2.17 -7.10
C ARG F 138 -27.83 -1.57 -7.65
N LEU F 139 -26.71 -2.23 -7.40
CA LEU F 139 -25.41 -1.74 -7.78
C LEU F 139 -24.74 -2.59 -8.86
N PHE F 140 -25.22 -3.80 -9.09
CA PHE F 140 -24.71 -4.67 -10.13
C PHE F 140 -25.87 -5.22 -10.96
N ARG F 141 -25.67 -5.28 -12.28
CA ARG F 141 -26.64 -5.88 -13.19
C ARG F 141 -25.95 -6.16 -14.51
N LYS F 142 -26.43 -7.21 -15.20
CA LYS F 142 -25.79 -7.63 -16.44
C LYS F 142 -26.03 -6.65 -17.57
N SER F 143 -27.17 -5.96 -17.55
N SER F 143 -27.18 -5.96 -17.56
CA SER F 143 -27.54 -5.00 -18.58
CA SER F 143 -27.46 -4.96 -18.57
C SER F 143 -28.36 -3.89 -17.96
C SER F 143 -28.32 -3.87 -17.95
N ASN F 144 -28.45 -2.76 -18.67
CA ASN F 144 -29.25 -1.66 -18.18
C ASN F 144 -30.74 -1.99 -18.28
N LEU F 145 -31.53 -1.33 -17.46
CA LEU F 145 -32.98 -1.48 -17.52
C LEU F 145 -33.55 -0.77 -18.73
N LYS F 146 -34.54 -1.38 -19.36
CA LYS F 146 -35.37 -0.69 -20.33
C LYS F 146 -36.34 0.23 -19.60
N PRO F 147 -36.83 1.28 -20.25
CA PRO F 147 -37.67 2.27 -19.55
C PRO F 147 -38.81 1.64 -18.76
N PHE F 148 -38.96 2.09 -17.51
CA PHE F 148 -40.01 1.66 -16.58
C PHE F 148 -39.93 0.18 -16.24
N GLU F 149 -38.78 -0.46 -16.43
CA GLU F 149 -38.58 -1.83 -15.98
C GLU F 149 -38.27 -1.85 -14.49
N ARG F 150 -38.64 -2.95 -13.83
CA ARG F 150 -38.47 -3.09 -12.38
C ARG F 150 -37.85 -4.45 -12.08
N ASP F 151 -36.67 -4.42 -11.46
CA ASP F 151 -35.91 -5.62 -11.12
C ASP F 151 -35.72 -5.67 -9.61
N ILE F 152 -36.18 -6.76 -8.99
CA ILE F 152 -35.99 -7.00 -7.56
C ILE F 152 -35.31 -8.33 -7.30
N SER F 153 -34.60 -8.87 -8.30
CA SER F 153 -33.73 -10.03 -8.16
C SER F 153 -32.86 -9.93 -6.92
N THR F 154 -32.64 -11.08 -6.28
CA THR F 154 -31.70 -11.24 -5.19
C THR F 154 -30.44 -12.01 -5.60
N GLU F 155 -30.42 -12.56 -6.82
CA GLU F 155 -29.40 -13.54 -7.19
C GLU F 155 -27.99 -12.95 -7.16
N ILE F 156 -27.05 -13.77 -6.68
CA ILE F 156 -25.65 -13.37 -6.59
C ILE F 156 -25.13 -12.98 -7.97
N TYR F 157 -24.44 -11.85 -8.04
CA TYR F 157 -23.97 -11.30 -9.31
C TYR F 157 -22.64 -11.93 -9.69
N GLN F 158 -22.60 -12.59 -10.85
CA GLN F 158 -21.38 -13.23 -11.35
C GLN F 158 -20.60 -12.22 -12.17
N ALA F 159 -19.48 -11.74 -11.62
CA ALA F 159 -18.62 -10.77 -12.28
C ALA F 159 -17.38 -11.41 -12.88
N GLY F 160 -17.38 -12.72 -13.10
CA GLY F 160 -16.26 -13.40 -13.70
C GLY F 160 -16.66 -14.63 -14.48
N SER F 161 -15.70 -15.49 -14.82
CA SER F 161 -15.99 -16.69 -15.58
CA SER F 161 -15.99 -16.69 -15.58
C SER F 161 -16.46 -17.85 -14.71
N THR F 162 -16.17 -17.82 -13.42
CA THR F 162 -16.63 -18.90 -12.56
C THR F 162 -18.04 -18.59 -12.06
N PRO F 163 -18.99 -19.51 -12.21
CA PRO F 163 -20.34 -19.29 -11.67
C PRO F 163 -20.29 -19.20 -10.15
N CYS F 164 -21.42 -18.73 -9.59
CA CYS F 164 -21.50 -18.43 -8.16
C CYS F 164 -22.29 -19.44 -7.37
N ASN F 165 -23.35 -20.00 -7.95
CA ASN F 165 -24.18 -21.01 -7.28
C ASN F 165 -24.74 -20.46 -5.97
N GLY F 166 -25.23 -19.22 -6.01
CA GLY F 166 -25.88 -18.64 -4.86
C GLY F 166 -24.99 -18.36 -3.67
N VAL F 167 -23.68 -18.54 -3.79
CA VAL F 167 -22.75 -18.27 -2.70
C VAL F 167 -21.88 -17.08 -3.08
N GLU F 168 -21.73 -16.15 -2.13
CA GLU F 168 -20.86 -15.01 -2.31
C GLU F 168 -19.40 -15.43 -2.20
N GLY F 169 -18.55 -14.72 -2.94
CA GLY F 169 -17.13 -14.98 -2.91
C GLY F 169 -16.41 -13.94 -3.72
N PHE F 170 -15.17 -14.26 -4.10
CA PHE F 170 -14.47 -13.40 -5.03
C PHE F 170 -15.23 -13.37 -6.35
N ASN F 171 -15.41 -12.17 -6.90
CA ASN F 171 -16.16 -11.97 -8.16
C ASN F 171 -17.55 -12.57 -8.12
N CYS F 172 -18.17 -12.64 -6.93
CA CYS F 172 -19.58 -13.02 -6.85
C CYS F 172 -20.20 -12.25 -5.71
N TYR F 173 -21.10 -11.32 -6.03
CA TYR F 173 -21.50 -10.27 -5.10
C TYR F 173 -22.99 -10.28 -4.88
N PHE F 174 -23.41 -9.87 -3.69
CA PHE F 174 -24.81 -9.57 -3.46
C PHE F 174 -25.15 -8.33 -4.26
N PRO F 175 -26.15 -8.38 -5.16
CA PRO F 175 -26.33 -7.29 -6.12
C PRO F 175 -26.86 -6.00 -5.51
N LEU F 176 -27.58 -6.06 -4.40
CA LEU F 176 -28.07 -4.84 -3.79
C LEU F 176 -27.04 -4.28 -2.82
N GLN F 177 -27.19 -3.00 -2.50
CA GLN F 177 -26.39 -2.33 -1.48
C GLN F 177 -27.28 -1.30 -0.79
N SER F 178 -26.81 -0.80 0.35
CA SER F 178 -27.62 0.13 1.12
C SER F 178 -26.98 1.50 1.17
N TYR F 179 -27.78 2.48 1.58
CA TYR F 179 -27.36 3.88 1.55
C TYR F 179 -26.73 4.29 2.87
N GLY F 180 -27.35 3.89 3.98
CA GLY F 180 -26.85 4.26 5.29
C GLY F 180 -26.97 5.75 5.56
N PHE F 181 -28.17 6.29 5.44
CA PHE F 181 -28.39 7.71 5.66
C PHE F 181 -28.24 8.05 7.14
N GLN F 182 -27.28 8.91 7.46
CA GLN F 182 -27.19 9.49 8.78
C GLN F 182 -27.32 11.00 8.68
N PRO F 183 -27.93 11.65 9.67
CA PRO F 183 -28.32 13.07 9.52
C PRO F 183 -27.15 14.03 9.34
N THR F 184 -25.92 13.60 9.59
CA THR F 184 -24.77 14.48 9.53
C THR F 184 -24.09 14.50 8.16
N ASN F 185 -24.70 13.90 7.15
CA ASN F 185 -24.06 13.81 5.84
C ASN F 185 -24.22 15.12 5.08
N GLY F 186 -23.46 15.23 3.99
CA GLY F 186 -23.69 16.32 3.05
C GLY F 186 -25.00 16.13 2.31
N VAL F 187 -25.57 17.24 1.85
CA VAL F 187 -26.88 17.18 1.21
C VAL F 187 -26.87 16.27 0.00
N GLY F 188 -25.73 16.16 -0.68
CA GLY F 188 -25.62 15.25 -1.81
C GLY F 188 -25.69 13.79 -1.41
N TYR F 189 -25.43 13.46 -0.15
CA TYR F 189 -25.49 12.10 0.36
C TYR F 189 -26.62 11.91 1.36
N GLN F 190 -27.57 12.85 1.39
CA GLN F 190 -28.74 12.82 2.25
C GLN F 190 -29.94 12.24 1.51
N PRO F 191 -30.93 11.70 2.23
CA PRO F 191 -32.06 11.03 1.55
C PRO F 191 -33.02 12.04 0.92
N TYR F 192 -33.36 11.78 -0.34
CA TYR F 192 -34.32 12.58 -1.07
C TYR F 192 -35.47 11.68 -1.53
N ARG F 193 -36.70 12.08 -1.20
CA ARG F 193 -37.88 11.39 -1.66
C ARG F 193 -38.27 11.91 -3.03
N VAL F 194 -38.53 11.00 -3.96
CA VAL F 194 -38.76 11.33 -5.36
C VAL F 194 -40.07 10.71 -5.81
N VAL F 195 -40.88 11.50 -6.50
CA VAL F 195 -42.12 11.08 -7.13
C VAL F 195 -42.09 11.53 -8.58
N VAL F 196 -42.28 10.59 -9.50
CA VAL F 196 -42.29 10.85 -10.93
C VAL F 196 -43.71 10.65 -11.41
N LEU F 197 -44.25 11.65 -12.11
CA LEU F 197 -45.58 11.56 -12.68
C LEU F 197 -45.43 11.35 -14.19
N SER F 198 -45.90 10.19 -14.62
CA SER F 198 -45.81 9.65 -15.98
C SER F 198 -47.06 9.97 -16.76
N PHE F 199 -46.93 10.77 -17.81
CA PHE F 199 -48.09 11.18 -18.59
C PHE F 199 -48.29 10.18 -19.73
N GLU F 200 -49.50 9.60 -19.79
CA GLU F 200 -49.86 8.48 -20.66
C GLU F 200 -50.99 8.92 -21.57
N LEU F 201 -50.62 9.22 -22.82
CA LEU F 201 -51.54 9.50 -23.93
C LEU F 201 -51.45 8.33 -24.92
N LEU F 202 -52.46 7.46 -24.91
CA LEU F 202 -52.60 6.31 -25.80
C LEU F 202 -53.41 6.71 -27.03
N VAL F 208 -58.40 12.67 -16.24
CA VAL F 208 -57.09 13.20 -15.88
C VAL F 208 -57.02 14.65 -16.34
N CYS F 209 -58.01 15.44 -15.91
CA CYS F 209 -58.07 16.86 -16.24
C CYS F 209 -57.79 17.75 -15.04
#